data_3HD0
#
_entry.id   3HD0
#
_cell.length_a   69.571
_cell.length_b   71.966
_cell.length_c   120.266
_cell.angle_alpha   90.00
_cell.angle_beta   90.00
_cell.angle_gamma   90.00
#
_symmetry.space_group_name_H-M   'P 21 21 21'
#
loop_
_entity.id
_entity.type
_entity.pdbx_description
1 polymer 'Endonuclease V'
2 water water
#
_entity_poly.entity_id   1
_entity_poly.type   'polypeptide(L)'
_entity_poly.pdbx_seq_one_letter_code
;(MSE)GSDKIHHHHHH(MSE)DYRQLHRWDLPPEEAIKVQNELRKKIKLTPYEGEPEYVAGVDLSFPGKEEGLAVIVVLE
YPSFKILEVVSERGEITFPYIPGLLAFREGPLFLKAWEKLRTKPDVVVFDGQGLAHPRKLGIASH(MSE)GLFIEIPTIG
VAKSRLYGTFK(MSE)PEDKRCSWSYLYDGEEIIGCVIRTKEGSAPIFVSPGHL(MSE)DVESSKRLIKAFTLPGRRIPE
PTRLAHIYTQRLKKGLF
;
_entity_poly.pdbx_strand_id   A,B,D
#
# COMPACT_ATOMS: atom_id res chain seq x y z
N ASP A 14 11.37 5.33 4.77
CA ASP A 14 11.13 5.77 3.41
C ASP A 14 11.88 5.01 2.32
N TYR A 15 11.37 5.13 1.10
CA TYR A 15 12.06 4.63 -0.09
C TYR A 15 11.52 5.25 -1.34
N ARG A 16 12.29 5.14 -2.40
CA ARG A 16 12.06 5.81 -3.65
C ARG A 16 11.54 4.77 -4.67
N GLN A 17 10.29 4.93 -5.11
CA GLN A 17 9.59 3.99 -5.99
C GLN A 17 10.00 4.24 -7.44
N LEU A 18 11.22 3.83 -7.78
CA LEU A 18 11.79 4.12 -9.09
C LEU A 18 10.93 3.69 -10.30
N HIS A 19 9.99 2.77 -10.07
CA HIS A 19 9.16 2.17 -11.13
C HIS A 19 8.12 1.27 -10.49
N ARG A 20 7.21 0.76 -11.31
CA ARG A 20 6.15 -0.11 -10.83
C ARG A 20 6.61 -1.57 -10.84
N TRP A 21 5.97 -2.39 -10.02
CA TRP A 21 6.33 -3.79 -9.90
C TRP A 21 5.55 -4.70 -10.81
N ASP A 22 4.34 -4.30 -11.14
CA ASP A 22 3.46 -5.15 -11.91
C ASP A 22 3.75 -5.07 -13.38
N LEU A 23 4.94 -5.47 -13.76
CA LEU A 23 5.36 -5.36 -15.13
C LEU A 23 5.42 -6.74 -15.78
N PRO A 24 5.26 -6.78 -17.11
CA PRO A 24 5.50 -8.02 -17.86
C PRO A 24 7.00 -8.31 -17.87
N PRO A 25 7.38 -9.61 -17.86
CA PRO A 25 8.82 -9.84 -17.80
C PRO A 25 9.66 -9.06 -18.84
N GLU A 26 9.20 -8.96 -20.09
CA GLU A 26 9.95 -8.17 -21.10
C GLU A 26 10.20 -6.73 -20.64
N GLU A 27 9.17 -6.07 -20.12
CA GLU A 27 9.33 -4.73 -19.59
C GLU A 27 10.24 -4.67 -18.35
N ALA A 28 10.14 -5.69 -17.50
CA ALA A 28 10.98 -5.80 -16.30
C ALA A 28 12.47 -5.82 -16.65
N ILE A 29 12.84 -6.69 -17.59
CA ILE A 29 14.18 -6.67 -18.20
C ILE A 29 14.63 -5.26 -18.69
N LYS A 30 13.72 -4.48 -19.27
CA LYS A 30 14.07 -3.16 -19.83
C LYS A 30 14.38 -2.17 -18.71
N VAL A 31 13.67 -2.31 -17.60
CA VAL A 31 13.86 -1.46 -16.43
C VAL A 31 15.23 -1.76 -15.86
N GLN A 32 15.55 -3.05 -15.74
CA GLN A 32 16.79 -3.45 -15.10
C GLN A 32 17.94 -2.70 -15.72
N ASN A 33 17.91 -2.65 -17.05
CA ASN A 33 18.92 -1.99 -17.83
C ASN A 33 19.01 -0.50 -17.52
N GLU A 34 17.86 0.18 -17.51
CA GLU A 34 17.76 1.58 -17.10
C GLU A 34 18.32 1.83 -15.70
N LEU A 35 17.93 0.98 -14.75
CA LEU A 35 18.44 1.08 -13.39
C LEU A 35 19.94 0.79 -13.28
N ARG A 36 20.49 -0.05 -14.14
CA ARG A 36 21.89 -0.44 -13.96
C ARG A 36 22.78 0.75 -14.16
N LYS A 37 22.31 1.70 -14.96
CA LYS A 37 23.08 2.92 -15.18
C LYS A 37 23.01 3.87 -13.99
N LYS A 38 22.01 3.67 -13.13
CA LYS A 38 21.88 4.50 -11.94
C LYS A 38 22.77 4.00 -10.80
N ILE A 39 23.18 2.73 -10.88
CA ILE A 39 24.10 2.09 -9.91
C ILE A 39 25.42 2.83 -9.78
N LYS A 40 25.86 3.05 -8.53
CA LYS A 40 27.10 3.75 -8.22
C LYS A 40 28.00 2.86 -7.39
N LEU A 41 28.97 2.24 -8.06
CA LEU A 41 29.87 1.30 -7.42
C LEU A 41 30.94 2.05 -6.68
N THR A 42 30.56 2.70 -5.57
CA THR A 42 31.46 3.62 -4.84
C THR A 42 31.93 3.08 -3.48
N PRO A 43 33.22 3.25 -3.16
CA PRO A 43 33.86 2.74 -1.94
C PRO A 43 32.98 3.05 -0.74
N TYR A 44 32.79 2.09 0.16
CA TYR A 44 32.21 2.43 1.44
C TYR A 44 33.36 2.58 2.43
N GLU A 45 33.41 3.69 3.14
CA GLU A 45 34.55 4.00 3.98
C GLU A 45 34.25 3.99 5.48
N GLY A 46 35.15 3.38 6.24
CA GLY A 46 34.92 3.24 7.66
C GLY A 46 33.91 2.16 7.93
N GLU A 47 33.30 2.23 9.11
CA GLU A 47 32.40 1.17 9.58
C GLU A 47 31.01 1.71 9.80
N PRO A 48 29.96 0.91 9.50
CA PRO A 48 28.63 1.44 9.69
C PRO A 48 28.36 1.46 11.18
N GLU A 49 27.35 2.21 11.61
CA GLU A 49 26.90 2.11 12.98
C GLU A 49 25.91 0.96 13.07
N TYR A 50 24.89 1.00 12.19
CA TYR A 50 23.87 -0.06 12.08
C TYR A 50 23.91 -0.82 10.78
N VAL A 51 23.91 -2.15 10.88
CA VAL A 51 23.75 -2.99 9.69
C VAL A 51 22.46 -3.79 9.81
N ALA A 52 21.80 -3.98 8.66
CA ALA A 52 20.58 -4.77 8.52
C ALA A 52 20.89 -6.04 7.77
N GLY A 53 20.26 -7.13 8.20
CA GLY A 53 20.36 -8.46 7.53
C GLY A 53 18.96 -8.67 7.00
N VAL A 54 18.83 -9.20 5.78
CA VAL A 54 17.52 -9.43 5.17
C VAL A 54 17.38 -10.88 4.81
N ASP A 55 16.23 -11.44 5.14
CA ASP A 55 15.94 -12.83 4.77
C ASP A 55 14.55 -12.88 4.13
N LEU A 56 14.51 -13.24 2.86
CA LEU A 56 13.27 -13.33 2.12
C LEU A 56 12.99 -14.83 1.92
N SER A 57 11.86 -15.29 2.44
CA SER A 57 11.51 -16.72 2.40
C SER A 57 10.06 -16.89 1.96
N PHE A 58 9.73 -18.11 1.53
CA PHE A 58 8.47 -18.39 0.84
C PHE A 58 7.75 -19.59 1.43
N PRO A 59 7.02 -19.37 2.52
CA PRO A 59 6.33 -20.44 3.22
C PRO A 59 5.32 -21.21 2.34
N GLY A 60 4.73 -20.50 1.37
CA GLY A 60 3.56 -20.97 0.67
C GLY A 60 3.78 -20.98 -0.81
N LYS A 61 2.73 -21.29 -1.56
CA LYS A 61 2.89 -21.40 -3.00
C LYS A 61 3.06 -19.98 -3.51
N GLU A 62 2.20 -19.08 -3.06
CA GLU A 62 2.32 -17.66 -3.45
C GLU A 62 2.44 -16.70 -2.26
N GLU A 63 3.03 -17.24 -1.17
CA GLU A 63 3.23 -16.56 0.12
C GLU A 63 4.69 -16.30 0.36
N GLY A 64 5.04 -15.03 0.48
CA GLY A 64 6.38 -14.63 0.84
C GLY A 64 6.44 -14.10 2.25
N LEU A 65 7.66 -14.01 2.77
CA LEU A 65 7.90 -13.52 4.11
C LEU A 65 9.27 -12.85 4.11
N ALA A 66 9.29 -11.60 4.56
CA ALA A 66 10.46 -10.77 4.61
C ALA A 66 10.75 -10.48 6.07
N VAL A 67 11.98 -10.77 6.51
CA VAL A 67 12.42 -10.51 7.86
C VAL A 67 13.66 -9.63 7.70
N ILE A 68 13.67 -8.52 8.44
CA ILE A 68 14.81 -7.60 8.50
C ILE A 68 15.25 -7.48 9.94
N VAL A 69 16.55 -7.54 10.16
CA VAL A 69 17.08 -7.37 11.49
C VAL A 69 18.13 -6.29 11.44
N VAL A 70 18.09 -5.38 12.40
CA VAL A 70 19.06 -4.31 12.47
C VAL A 70 19.98 -4.51 13.67
N LEU A 71 21.24 -4.87 13.40
CA LEU A 71 22.24 -5.05 14.43
C LEU A 71 22.97 -3.75 14.68
N GLU A 72 23.63 -3.62 15.83
CA GLU A 72 24.59 -2.54 16.03
C GLU A 72 25.96 -3.14 15.83
N TYR A 73 26.80 -2.45 15.07
CA TYR A 73 28.20 -2.79 14.92
C TYR A 73 29.01 -1.97 15.93
N PRO A 74 30.05 -2.55 16.58
CA PRO A 74 30.66 -3.90 16.45
C PRO A 74 30.08 -4.99 17.33
N SER A 75 29.17 -4.61 18.22
CA SER A 75 28.57 -5.53 19.19
C SER A 75 27.69 -6.64 18.59
N PHE A 76 27.09 -6.35 17.44
CA PHE A 76 26.05 -7.19 16.83
C PHE A 76 24.78 -7.36 17.71
N LYS A 77 24.60 -6.46 18.70
CA LYS A 77 23.36 -6.43 19.47
C LYS A 77 22.24 -6.25 18.46
N ILE A 78 21.13 -6.97 18.70
CA ILE A 78 19.95 -6.84 17.89
C ILE A 78 19.14 -5.67 18.41
N LEU A 79 19.07 -4.60 17.62
CA LEU A 79 18.23 -3.47 18.02
C LEU A 79 16.80 -3.70 17.60
N GLU A 80 16.60 -4.10 16.36
CA GLU A 80 15.23 -4.21 15.83
C GLU A 80 15.01 -5.40 14.85
N VAL A 81 13.76 -5.86 14.78
CA VAL A 81 13.43 -7.01 13.95
C VAL A 81 12.02 -6.77 13.46
N VAL A 82 11.85 -6.70 12.14
CA VAL A 82 10.52 -6.45 11.54
C VAL A 82 10.22 -7.54 10.52
N SER A 83 8.95 -7.81 10.25
CA SER A 83 8.64 -8.81 9.25
C SER A 83 7.30 -8.55 8.61
N GLU A 84 7.19 -8.91 7.34
CA GLU A 84 5.94 -8.74 6.66
C GLU A 84 5.70 -9.93 5.78
N ARG A 85 4.44 -10.19 5.51
CA ARG A 85 4.03 -11.21 4.59
C ARG A 85 3.37 -10.54 3.41
N GLY A 86 3.45 -11.17 2.25
CA GLY A 86 2.84 -10.61 1.10
C GLY A 86 2.55 -11.72 0.13
N GLU A 87 1.73 -11.39 -0.87
CA GLU A 87 1.40 -12.33 -1.92
C GLU A 87 2.54 -12.21 -2.91
N ILE A 88 2.97 -13.35 -3.45
CA ILE A 88 4.02 -13.37 -4.44
C ILE A 88 3.32 -13.73 -5.69
N THR A 89 3.19 -12.73 -6.56
CA THR A 89 2.32 -12.85 -7.73
C THR A 89 3.17 -13.07 -8.99
N PHE A 90 4.33 -12.41 -9.04
CA PHE A 90 5.17 -12.35 -10.21
C PHE A 90 5.87 -13.69 -10.43
N PRO A 91 5.93 -14.16 -11.69
CA PRO A 91 6.43 -15.51 -11.88
C PRO A 91 7.95 -15.62 -11.70
N TYR A 92 8.40 -16.79 -11.23
CA TYR A 92 9.79 -17.02 -10.87
C TYR A 92 10.60 -17.17 -12.11
N ILE A 93 11.57 -16.27 -12.29
CA ILE A 93 12.34 -16.21 -13.52
C ILE A 93 13.77 -15.86 -13.13
N PRO A 94 14.73 -16.78 -13.33
CA PRO A 94 16.10 -16.39 -12.91
C PRO A 94 16.62 -15.12 -13.62
N GLY A 95 17.24 -14.23 -12.86
CA GLY A 95 17.64 -12.92 -13.33
C GLY A 95 16.54 -11.89 -13.18
N LEU A 96 15.32 -12.35 -12.85
CA LEU A 96 14.20 -11.45 -12.60
C LEU A 96 13.64 -11.57 -11.20
N LEU A 97 14.40 -12.25 -10.34
CA LEU A 97 13.97 -12.54 -9.00
C LEU A 97 13.59 -11.33 -8.15
N ALA A 98 14.30 -10.23 -8.31
CA ALA A 98 13.90 -9.03 -7.58
C ALA A 98 12.40 -8.65 -7.77
N PHE A 99 11.80 -8.98 -8.92
CA PHE A 99 10.40 -8.58 -9.16
C PHE A 99 9.41 -9.38 -8.33
N ARG A 100 9.88 -10.49 -7.77
CA ARG A 100 9.12 -11.35 -6.88
C ARG A 100 9.22 -10.91 -5.43
N GLU A 101 10.45 -10.61 -5.03
CA GLU A 101 10.83 -10.48 -3.62
C GLU A 101 10.98 -9.03 -3.22
N GLY A 102 11.33 -8.18 -4.19
CA GLY A 102 11.40 -6.75 -4.01
C GLY A 102 10.18 -6.15 -3.31
N PRO A 103 8.97 -6.38 -3.86
CA PRO A 103 7.77 -5.81 -3.25
C PRO A 103 7.64 -6.11 -1.78
N LEU A 104 7.81 -7.37 -1.42
CA LEU A 104 7.58 -7.82 -0.05
C LEU A 104 8.62 -7.26 0.94
N PHE A 105 9.88 -7.30 0.55
CA PHE A 105 10.89 -6.62 1.30
C PHE A 105 10.55 -5.16 1.55
N LEU A 106 10.05 -4.48 0.54
CA LEU A 106 9.69 -3.10 0.76
C LEU A 106 8.63 -2.96 1.84
N LYS A 107 7.65 -3.84 1.87
CA LYS A 107 6.68 -3.79 2.97
C LYS A 107 7.39 -3.85 4.34
N ALA A 108 8.41 -4.70 4.48
CA ALA A 108 9.11 -4.81 5.75
C ALA A 108 9.95 -3.58 6.00
N TRP A 109 10.59 -3.09 4.94
CA TRP A 109 11.42 -1.90 5.04
C TRP A 109 10.61 -0.76 5.66
N GLU A 110 9.40 -0.51 5.14
CA GLU A 110 8.59 0.61 5.63
C GLU A 110 8.31 0.58 7.11
N LYS A 111 8.49 -0.57 7.74
CA LYS A 111 8.17 -0.76 9.18
C LYS A 111 9.36 -0.50 10.08
N LEU A 112 10.53 -0.19 9.51
CA LEU A 112 11.74 -0.02 10.33
C LEU A 112 11.74 1.31 11.07
N ARG A 113 12.20 1.28 12.32
CA ARG A 113 12.32 2.48 13.11
C ARG A 113 13.74 3.02 13.00
N THR A 114 14.70 2.11 12.98
CA THR A 114 16.12 2.47 12.97
C THR A 114 16.63 2.45 11.55
N LYS A 115 17.32 3.50 11.15
CA LYS A 115 17.83 3.62 9.79
C LYS A 115 19.16 2.90 9.68
N PRO A 116 19.26 1.82 8.87
CA PRO A 116 20.56 1.17 8.75
C PRO A 116 21.58 1.96 7.95
N ASP A 117 22.86 1.75 8.24
CA ASP A 117 23.97 2.35 7.48
C ASP A 117 24.43 1.53 6.27
N VAL A 118 24.23 0.22 6.33
CA VAL A 118 24.55 -0.70 5.28
C VAL A 118 23.53 -1.82 5.38
N VAL A 119 23.09 -2.32 4.24
CA VAL A 119 22.15 -3.44 4.22
C VAL A 119 22.73 -4.61 3.45
N VAL A 120 22.60 -5.78 4.06
CA VAL A 120 23.14 -7.03 3.54
C VAL A 120 21.99 -7.94 3.15
N PHE A 121 21.98 -8.37 1.89
CA PHE A 121 20.90 -9.21 1.43
C PHE A 121 21.43 -10.58 1.19
N ASP A 122 20.52 -11.54 1.07
CA ASP A 122 20.83 -12.89 0.67
C ASP A 122 20.54 -13.05 -0.83
N GLY A 123 21.57 -12.80 -1.62
CA GLY A 123 21.50 -12.80 -3.06
C GLY A 123 22.83 -12.24 -3.51
N GLN A 124 22.81 -11.62 -4.69
CA GLN A 124 23.96 -10.92 -5.22
C GLN A 124 23.56 -9.50 -5.54
N GLY A 125 24.29 -8.88 -6.46
CA GLY A 125 24.06 -7.52 -6.82
C GLY A 125 24.76 -7.41 -8.16
N LEU A 126 26.00 -6.91 -8.14
CA LEU A 126 26.78 -6.77 -9.35
C LEU A 126 26.90 -8.08 -10.09
N ALA A 127 26.90 -9.19 -9.36
CA ALA A 127 26.99 -10.50 -10.01
C ALA A 127 25.61 -10.88 -10.46
N HIS A 128 25.30 -10.54 -11.70
CA HIS A 128 23.93 -10.71 -12.22
C HIS A 128 24.05 -10.59 -13.73
N PRO A 129 23.28 -11.39 -14.51
CA PRO A 129 23.33 -11.30 -16.00
C PRO A 129 23.31 -9.89 -16.49
N ARG A 130 22.62 -9.02 -15.77
CA ARG A 130 22.53 -7.63 -16.19
C ARG A 130 22.98 -6.70 -15.07
N LYS A 131 23.82 -7.22 -14.18
CA LYS A 131 24.42 -6.43 -13.13
C LYS A 131 23.35 -5.71 -12.28
N LEU A 132 22.19 -6.39 -12.10
CA LEU A 132 21.13 -5.90 -11.19
C LEU A 132 20.57 -6.92 -10.19
N GLY A 133 21.43 -7.68 -9.54
CA GLY A 133 20.98 -8.58 -8.50
C GLY A 133 20.23 -7.85 -7.42
N ILE A 134 19.63 -8.63 -6.52
CA ILE A 134 18.75 -8.12 -5.48
C ILE A 134 19.36 -6.98 -4.67
N ALA A 135 20.64 -7.06 -4.37
CA ALA A 135 21.26 -6.05 -3.53
C ALA A 135 21.36 -4.72 -4.29
N SER A 136 21.59 -4.80 -5.59
CA SER A 136 21.69 -3.62 -6.42
C SER A 136 20.33 -2.95 -6.58
N HIS A 137 19.36 -3.70 -7.06
CA HIS A 137 18.00 -3.20 -7.21
C HIS A 137 17.51 -2.50 -5.93
N GLY A 139 19.11 -1.37 -3.40
CA GLY A 139 20.01 -0.28 -3.04
C GLY A 139 19.50 0.97 -3.71
N LEU A 140 19.04 0.83 -4.95
CA LEU A 140 18.51 1.94 -5.70
C LEU A 140 17.26 2.48 -5.06
N PHE A 141 16.36 1.61 -4.61
CA PHE A 141 15.15 2.04 -3.94
C PHE A 141 15.49 2.63 -2.56
N ILE A 142 16.17 1.86 -1.72
CA ILE A 142 16.31 2.30 -0.34
C ILE A 142 17.32 3.40 -0.23
N GLU A 143 18.12 3.54 -1.28
CA GLU A 143 19.16 4.59 -1.36
C GLU A 143 20.12 4.54 -0.16
N ILE A 144 20.60 3.34 0.13
CA ILE A 144 21.67 3.19 1.10
C ILE A 144 22.59 2.03 0.73
N PRO A 145 23.87 2.11 1.13
CA PRO A 145 24.83 1.08 0.67
C PRO A 145 24.35 -0.34 0.98
N THR A 146 24.42 -1.20 -0.03
CA THR A 146 23.99 -2.57 0.15
C THR A 146 25.03 -3.56 -0.34
N ILE A 147 24.95 -4.77 0.19
CA ILE A 147 25.83 -5.86 -0.22
C ILE A 147 24.97 -7.10 -0.41
N GLY A 148 25.31 -7.95 -1.37
CA GLY A 148 24.68 -9.29 -1.52
C GLY A 148 25.61 -10.41 -1.09
N VAL A 149 25.13 -11.28 -0.22
CA VAL A 149 25.92 -12.42 0.23
C VAL A 149 25.11 -13.65 -0.13
N ALA A 150 25.72 -14.59 -0.86
CA ALA A 150 25.01 -15.83 -1.17
C ALA A 150 25.77 -17.11 -0.67
N LYS A 151 25.04 -18.04 -0.06
CA LYS A 151 25.64 -19.31 0.39
C LYS A 151 26.02 -20.21 -0.80
N SER A 152 25.55 -19.83 -1.98
CA SER A 152 25.77 -20.59 -3.18
C SER A 152 25.95 -19.64 -4.36
N ARG A 153 26.76 -20.01 -5.34
CA ARG A 153 27.01 -19.13 -6.48
C ARG A 153 25.75 -18.96 -7.34
N LEU A 154 25.44 -17.72 -7.75
CA LEU A 154 24.30 -17.47 -8.62
C LEU A 154 24.75 -17.17 -10.03
N TYR A 155 25.76 -16.32 -10.15
CA TYR A 155 26.23 -15.80 -11.42
C TYR A 155 27.77 -15.69 -11.38
N GLY A 156 28.40 -15.75 -12.55
CA GLY A 156 29.84 -15.50 -12.65
C GLY A 156 30.75 -16.71 -12.51
N THR A 157 32.03 -16.53 -12.78
CA THR A 157 33.01 -17.62 -12.80
C THR A 157 34.08 -17.42 -11.69
N PHE A 158 34.66 -18.51 -11.19
CA PHE A 158 35.72 -18.42 -10.19
C PHE A 158 36.58 -19.68 -10.08
N LYS A 159 37.73 -19.52 -9.42
CA LYS A 159 38.54 -20.65 -8.92
C LYS A 159 38.34 -20.84 -7.43
N PRO A 161 38.72 -20.95 -3.87
CA PRO A 161 39.83 -20.58 -3.01
C PRO A 161 40.20 -21.73 -2.09
N GLU A 162 41.37 -21.67 -1.46
CA GLU A 162 41.88 -22.83 -0.76
C GLU A 162 41.10 -23.09 0.51
N ASP A 163 41.29 -24.25 1.14
CA ASP A 163 40.48 -24.58 2.30
C ASP A 163 41.15 -24.10 3.54
N LYS A 164 41.26 -22.79 3.68
CA LYS A 164 42.06 -22.19 4.73
C LYS A 164 41.37 -20.90 5.13
N ARG A 165 41.04 -20.76 6.41
CA ARG A 165 40.28 -19.59 6.85
C ARG A 165 40.67 -18.29 6.17
N CYS A 166 39.65 -17.63 5.64
CA CYS A 166 39.77 -16.29 5.11
C CYS A 166 40.51 -16.21 3.76
N SER A 167 40.82 -17.37 3.16
CA SER A 167 41.27 -17.36 1.77
C SER A 167 40.13 -16.86 0.89
N TRP A 168 40.44 -16.42 -0.33
CA TRP A 168 39.40 -15.80 -1.14
C TRP A 168 39.83 -15.73 -2.59
N SER A 169 38.86 -15.63 -3.49
CA SER A 169 39.14 -15.53 -4.93
C SER A 169 38.24 -14.45 -5.46
N TYR A 170 38.63 -13.83 -6.59
CA TYR A 170 37.70 -12.99 -7.31
C TYR A 170 36.67 -13.80 -8.05
N LEU A 171 35.47 -13.23 -8.16
CA LEU A 171 34.37 -13.72 -8.99
C LEU A 171 34.32 -12.90 -10.28
N TYR A 172 34.10 -13.57 -11.41
CA TYR A 172 34.22 -12.91 -12.71
C TYR A 172 33.00 -13.05 -13.61
N ASP A 173 32.84 -12.04 -14.47
CA ASP A 173 32.04 -12.16 -15.68
C ASP A 173 33.02 -11.93 -16.83
N GLY A 174 33.29 -12.96 -17.61
CA GLY A 174 34.33 -12.86 -18.62
C GLY A 174 35.53 -12.31 -17.87
N GLU A 175 35.99 -11.14 -18.27
CA GLU A 175 37.21 -10.54 -17.71
C GLU A 175 37.03 -9.57 -16.56
N GLU A 176 35.81 -9.16 -16.29
CA GLU A 176 35.53 -8.16 -15.26
C GLU A 176 35.23 -8.81 -13.92
N ILE A 177 35.82 -8.23 -12.88
CA ILE A 177 35.59 -8.60 -11.50
C ILE A 177 34.17 -8.22 -11.07
N ILE A 178 33.37 -9.21 -10.68
CA ILE A 178 31.99 -8.93 -10.29
C ILE A 178 31.71 -9.17 -8.83
N GLY A 179 32.72 -9.60 -8.09
CA GLY A 179 32.57 -9.81 -6.66
C GLY A 179 33.70 -10.70 -6.22
N CYS A 180 33.50 -11.43 -5.12
CA CYS A 180 34.53 -12.31 -4.61
C CYS A 180 33.97 -13.52 -3.85
N VAL A 181 34.79 -14.55 -3.73
CA VAL A 181 34.42 -15.82 -3.16
C VAL A 181 35.33 -16.08 -1.98
N ILE A 182 34.74 -16.10 -0.78
CA ILE A 182 35.52 -16.12 0.47
C ILE A 182 35.35 -17.42 1.27
N ARG A 183 36.47 -18.00 1.72
CA ARG A 183 36.46 -19.18 2.54
C ARG A 183 36.39 -18.79 3.97
N THR A 184 35.19 -18.51 4.39
CA THR A 184 34.97 -17.87 5.65
C THR A 184 35.16 -18.87 6.79
N LYS A 185 34.88 -20.15 6.53
CA LYS A 185 35.02 -21.23 7.50
C LYS A 185 35.66 -22.46 6.88
N GLU A 186 36.71 -22.91 7.54
CA GLU A 186 37.52 -24.01 7.07
C GLU A 186 36.72 -25.34 7.06
N GLY A 187 36.78 -26.04 5.94
CA GLY A 187 36.07 -27.29 5.77
C GLY A 187 34.60 -27.08 5.44
N SER A 188 34.21 -25.86 5.14
CA SER A 188 32.85 -25.59 4.69
C SER A 188 32.95 -24.89 3.36
N ALA A 189 31.88 -24.91 2.58
CA ALA A 189 31.92 -24.18 1.31
C ALA A 189 32.08 -22.67 1.58
N PRO A 190 32.60 -21.93 0.59
CA PRO A 190 32.78 -20.49 0.81
C PRO A 190 31.47 -19.76 0.65
N ILE A 191 31.48 -18.45 0.97
CA ILE A 191 30.37 -17.58 0.61
C ILE A 191 30.70 -16.73 -0.62
N PHE A 192 29.68 -16.15 -1.22
CA PHE A 192 29.79 -15.33 -2.42
C PHE A 192 29.32 -13.90 -2.19
N VAL A 193 30.27 -12.99 -2.25
CA VAL A 193 30.03 -11.57 -1.92
C VAL A 193 30.06 -10.70 -3.16
N SER A 194 28.97 -9.98 -3.39
CA SER A 194 28.91 -9.05 -4.49
C SER A 194 28.35 -7.70 -4.02
N PRO A 195 28.92 -6.61 -4.54
CA PRO A 195 28.44 -5.30 -4.12
C PRO A 195 27.09 -5.00 -4.71
N GLY A 196 26.37 -4.10 -4.04
CA GLY A 196 25.06 -3.67 -4.47
C GLY A 196 25.11 -2.26 -5.01
N HIS A 197 24.60 -1.30 -4.25
CA HIS A 197 24.59 0.08 -4.64
C HIS A 197 25.35 0.92 -3.59
N LEU A 198 26.12 1.90 -4.07
CA LEU A 198 27.07 2.63 -3.23
C LEU A 198 28.00 1.59 -2.58
N ASP A 200 31.59 -1.05 -3.76
CA ASP A 200 32.42 -1.79 -4.72
C ASP A 200 32.82 -3.11 -4.12
N VAL A 201 33.42 -3.94 -4.96
CA VAL A 201 34.00 -5.24 -4.62
C VAL A 201 34.89 -5.11 -3.40
N GLU A 202 35.87 -4.23 -3.48
CA GLU A 202 36.85 -4.13 -2.39
C GLU A 202 36.19 -3.83 -1.04
N SER A 203 35.34 -2.80 -0.99
CA SER A 203 34.65 -2.44 0.25
C SER A 203 33.72 -3.57 0.75
N SER A 204 33.09 -4.29 -0.18
CA SER A 204 32.14 -5.31 0.20
C SER A 204 32.91 -6.43 0.82
N LYS A 205 34.06 -6.78 0.25
CA LYS A 205 34.93 -7.80 0.85
C LYS A 205 35.22 -7.47 2.30
N ARG A 206 35.66 -6.24 2.53
CA ARG A 206 36.18 -5.83 3.82
C ARG A 206 35.08 -5.87 4.85
N LEU A 207 33.96 -5.25 4.47
CA LEU A 207 32.82 -5.17 5.33
C LEU A 207 32.24 -6.54 5.75
N ILE A 208 32.06 -7.43 4.77
CA ILE A 208 31.55 -8.76 5.06
C ILE A 208 32.52 -9.51 5.98
N LYS A 209 33.82 -9.33 5.75
CA LYS A 209 34.81 -9.87 6.67
C LYS A 209 34.54 -9.26 8.05
N ALA A 210 34.34 -7.96 8.10
CA ALA A 210 34.09 -7.30 9.36
C ALA A 210 32.79 -7.75 10.03
N PHE A 211 31.89 -8.38 9.29
CA PHE A 211 30.59 -8.75 9.82
C PHE A 211 30.54 -10.21 10.19
N THR A 212 31.62 -10.93 9.94
CA THR A 212 31.65 -12.36 10.25
C THR A 212 32.49 -12.60 11.50
N LEU A 213 31.94 -13.41 12.41
CA LEU A 213 32.64 -13.79 13.62
C LEU A 213 33.66 -14.86 13.26
N PRO A 214 34.79 -14.88 13.95
CA PRO A 214 35.74 -15.92 13.58
C PRO A 214 35.42 -17.24 14.30
N GLY A 215 35.45 -18.34 13.57
CA GLY A 215 35.41 -18.35 12.14
C GLY A 215 34.12 -19.09 11.83
N ARG A 216 32.98 -18.45 12.08
CA ARG A 216 31.69 -18.89 11.54
C ARG A 216 31.69 -18.70 10.03
N ARG A 217 30.73 -19.32 9.35
CA ARG A 217 30.66 -19.27 7.88
C ARG A 217 29.87 -18.09 7.36
N ILE A 218 28.78 -17.74 8.05
CA ILE A 218 27.81 -16.73 7.60
C ILE A 218 27.89 -15.43 8.41
N PRO A 219 27.96 -14.27 7.70
CA PRO A 219 27.95 -12.93 8.28
C PRO A 219 26.85 -12.84 9.28
N GLU A 220 27.11 -12.20 10.42
CA GLU A 220 26.10 -12.08 11.46
C GLU A 220 24.72 -11.57 10.96
N PRO A 221 24.68 -10.48 10.16
CA PRO A 221 23.38 -9.93 9.77
C PRO A 221 22.52 -10.98 9.10
N THR A 222 23.09 -11.77 8.19
CA THR A 222 22.28 -12.70 7.49
C THR A 222 22.04 -13.96 8.31
N ARG A 223 23.02 -14.37 9.12
CA ARG A 223 22.82 -15.49 10.03
C ARG A 223 21.63 -15.19 10.92
N LEU A 224 21.64 -14.01 11.49
CA LEU A 224 20.63 -13.64 12.44
C LEU A 224 19.26 -13.47 11.81
N ALA A 225 19.19 -12.86 10.64
CA ALA A 225 17.90 -12.75 10.00
C ALA A 225 17.31 -14.15 9.68
N HIS A 226 18.16 -15.07 9.25
CA HIS A 226 17.67 -16.40 9.03
C HIS A 226 17.15 -16.97 10.33
N ILE A 227 17.89 -16.75 11.42
CA ILE A 227 17.48 -17.32 12.69
C ILE A 227 16.06 -16.84 13.07
N TYR A 228 15.79 -15.56 12.82
CA TYR A 228 14.48 -14.98 13.07
C TYR A 228 13.39 -15.45 12.16
N THR A 229 13.73 -15.63 10.89
CA THR A 229 12.85 -16.27 9.93
C THR A 229 12.47 -17.61 10.49
N GLN A 230 13.45 -18.45 10.75
CA GLN A 230 13.21 -19.68 11.47
C GLN A 230 12.30 -19.49 12.68
N ARG A 231 12.53 -18.45 13.47
CA ARG A 231 11.77 -18.27 14.70
C ARG A 231 10.25 -18.08 14.41
N LEU A 232 9.87 -18.04 13.14
CA LEU A 232 8.47 -17.77 12.79
C LEU A 232 7.63 -18.95 12.25
N LEU B 18 -23.89 -30.12 23.45
CA LEU B 18 -25.22 -29.42 23.51
C LEU B 18 -26.32 -30.18 22.76
N HIS B 19 -25.92 -30.99 21.79
CA HIS B 19 -26.81 -31.88 21.05
C HIS B 19 -25.95 -32.95 20.35
N ARG B 20 -26.57 -33.95 19.75
CA ARG B 20 -25.86 -34.93 18.92
C ARG B 20 -25.52 -34.41 17.51
N TRP B 21 -24.58 -35.04 16.84
CA TRP B 21 -24.23 -34.67 15.46
C TRP B 21 -24.71 -35.66 14.40
N ASP B 22 -25.20 -36.82 14.84
CA ASP B 22 -25.57 -37.89 13.93
C ASP B 22 -27.01 -37.84 13.36
N LEU B 23 -27.48 -36.64 13.12
CA LEU B 23 -28.86 -36.42 12.76
C LEU B 23 -29.10 -36.43 11.24
N PRO B 24 -30.30 -36.87 10.81
CA PRO B 24 -30.76 -36.55 9.47
C PRO B 24 -30.87 -35.03 9.31
N PRO B 25 -30.78 -34.53 8.06
CA PRO B 25 -30.91 -33.09 7.85
C PRO B 25 -32.09 -32.41 8.58
N GLU B 26 -33.27 -33.02 8.56
CA GLU B 26 -34.46 -32.39 9.16
C GLU B 26 -34.34 -32.23 10.66
N GLU B 27 -33.75 -33.21 11.33
CA GLU B 27 -33.54 -33.11 12.78
C GLU B 27 -32.39 -32.11 13.16
N ALA B 28 -31.45 -31.88 12.22
CA ALA B 28 -30.42 -30.86 12.35
C ALA B 28 -31.00 -29.45 12.23
N ILE B 29 -32.01 -29.30 11.40
CA ILE B 29 -32.69 -28.01 11.33
C ILE B 29 -33.42 -27.67 12.63
N LYS B 30 -34.14 -28.64 13.19
CA LYS B 30 -34.81 -28.50 14.49
C LYS B 30 -33.82 -28.10 15.56
N VAL B 31 -32.69 -28.82 15.62
CA VAL B 31 -31.56 -28.43 16.46
C VAL B 31 -31.22 -26.94 16.34
N GLN B 32 -31.06 -26.45 15.11
CA GLN B 32 -30.77 -25.05 14.84
C GLN B 32 -31.86 -24.09 15.34
N ASN B 33 -33.11 -24.35 14.96
CA ASN B 33 -34.26 -23.62 15.50
C ASN B 33 -34.07 -23.39 17.01
N GLU B 34 -33.99 -24.48 17.77
CA GLU B 34 -33.73 -24.44 19.21
C GLU B 34 -32.50 -23.61 19.64
N LEU B 35 -31.31 -23.87 19.05
CA LEU B 35 -30.06 -23.23 19.51
C LEU B 35 -30.01 -21.73 19.23
N ARG B 36 -30.69 -21.34 18.15
CA ARG B 36 -30.77 -19.97 17.69
C ARG B 36 -31.08 -18.97 18.81
N LYS B 37 -32.01 -19.34 19.67
CA LYS B 37 -32.37 -18.47 20.78
C LYS B 37 -31.32 -18.38 21.87
N LYS B 38 -30.28 -19.21 21.81
CA LYS B 38 -29.26 -19.16 22.86
C LYS B 38 -28.10 -18.20 22.53
N ILE B 39 -28.14 -17.63 21.34
CA ILE B 39 -27.11 -16.73 20.84
C ILE B 39 -27.19 -15.36 21.52
N LYS B 40 -26.06 -14.85 22.00
CA LYS B 40 -26.00 -13.51 22.58
C LYS B 40 -25.24 -12.58 21.64
N LEU B 41 -25.96 -11.66 20.99
CA LEU B 41 -25.32 -10.64 20.16
C LEU B 41 -25.00 -9.45 21.04
N THR B 42 -23.73 -9.31 21.36
CA THR B 42 -23.30 -8.38 22.38
C THR B 42 -21.97 -7.78 21.91
N PRO B 43 -21.76 -6.49 22.13
CA PRO B 43 -20.49 -5.85 21.69
C PRO B 43 -19.24 -6.56 22.21
N TYR B 44 -18.17 -6.51 21.42
CA TYR B 44 -16.90 -6.98 21.89
C TYR B 44 -16.08 -5.76 22.35
N GLU B 45 -15.88 -5.70 23.67
CA GLU B 45 -15.23 -4.58 24.32
C GLU B 45 -13.77 -4.54 23.98
N GLY B 46 -13.33 -3.48 23.32
CA GLY B 46 -11.90 -3.23 23.25
C GLY B 46 -11.21 -4.06 22.19
N GLU B 47 -9.95 -4.37 22.47
CA GLU B 47 -8.99 -4.88 21.50
C GLU B 47 -8.54 -6.25 22.00
N PRO B 48 -8.53 -7.29 21.14
CA PRO B 48 -8.06 -8.63 21.58
C PRO B 48 -6.55 -8.79 21.54
N GLU B 49 -6.05 -9.91 22.06
CA GLU B 49 -4.62 -10.19 21.97
C GLU B 49 -4.37 -11.46 21.17
N TYR B 50 -5.23 -12.47 21.34
CA TYR B 50 -5.17 -13.73 20.57
C TYR B 50 -6.37 -13.73 19.71
N VAL B 51 -6.17 -13.81 18.40
CA VAL B 51 -7.29 -14.01 17.49
C VAL B 51 -7.04 -15.24 16.64
N ALA B 52 -8.02 -16.14 16.56
CA ALA B 52 -7.83 -17.34 15.75
C ALA B 52 -8.55 -17.26 14.43
N GLY B 53 -8.00 -17.97 13.45
CA GLY B 53 -8.64 -18.18 12.18
C GLY B 53 -8.83 -19.66 12.01
N VAL B 54 -9.92 -20.04 11.35
CA VAL B 54 -10.25 -21.44 11.15
C VAL B 54 -10.43 -21.73 9.65
N ASP B 55 -9.84 -22.80 9.18
CA ASP B 55 -10.13 -23.25 7.85
C ASP B 55 -10.53 -24.73 7.83
N LEU B 56 -11.75 -25.00 7.39
CA LEU B 56 -12.21 -26.41 7.28
C LEU B 56 -12.23 -26.81 5.82
N SER B 57 -11.39 -27.77 5.48
CA SER B 57 -11.24 -28.13 4.09
C SER B 57 -11.41 -29.64 3.86
N PHE B 58 -11.47 -30.03 2.60
CA PHE B 58 -11.81 -31.39 2.26
C PHE B 58 -10.78 -31.95 1.26
N PRO B 59 -9.63 -32.40 1.79
CA PRO B 59 -8.47 -32.89 1.05
C PRO B 59 -8.75 -34.05 0.14
N GLY B 60 -9.75 -34.84 0.48
CA GLY B 60 -10.08 -36.11 -0.19
C GLY B 60 -11.59 -36.35 -0.15
N LYS B 61 -12.01 -37.51 -0.64
CA LYS B 61 -13.45 -37.79 -0.85
C LYS B 61 -14.32 -37.54 0.41
N GLU B 62 -14.15 -38.37 1.42
CA GLU B 62 -14.92 -38.26 2.63
C GLU B 62 -13.95 -37.87 3.70
N GLU B 63 -12.97 -37.07 3.30
CA GLU B 63 -11.88 -36.74 4.20
C GLU B 63 -11.90 -35.24 4.46
N GLY B 64 -12.06 -34.86 5.73
CA GLY B 64 -12.06 -33.44 6.12
C GLY B 64 -10.80 -33.10 6.88
N LEU B 65 -10.42 -31.82 6.88
CA LEU B 65 -9.29 -31.35 7.70
C LEU B 65 -9.63 -30.04 8.31
N ALA B 66 -9.30 -29.87 9.59
CA ALA B 66 -9.60 -28.63 10.27
C ALA B 66 -8.32 -27.99 10.80
N VAL B 67 -8.17 -26.68 10.54
CA VAL B 67 -6.96 -25.96 10.94
C VAL B 67 -7.32 -24.72 11.77
N ILE B 68 -6.68 -24.57 12.93
CA ILE B 68 -6.89 -23.38 13.75
C ILE B 68 -5.54 -22.73 13.93
N VAL B 69 -5.40 -21.46 13.56
CA VAL B 69 -4.16 -20.80 13.86
C VAL B 69 -4.47 -19.66 14.78
N VAL B 70 -3.71 -19.53 15.85
CA VAL B 70 -3.90 -18.39 16.71
C VAL B 70 -2.84 -17.34 16.42
N LEU B 71 -3.24 -16.08 16.25
CA LEU B 71 -2.28 -14.99 16.09
C LEU B 71 -2.30 -14.00 17.22
N GLU B 72 -1.14 -13.41 17.49
CA GLU B 72 -1.05 -12.23 18.35
C GLU B 72 -1.71 -11.09 17.59
N TYR B 73 -2.40 -10.22 18.30
CA TYR B 73 -2.85 -8.98 17.70
C TYR B 73 -2.26 -7.91 18.58
N PRO B 74 -1.83 -6.76 18.02
CA PRO B 74 -1.85 -6.23 16.65
C PRO B 74 -0.79 -6.70 15.67
N SER B 75 0.35 -7.19 16.17
CA SER B 75 1.35 -7.82 15.26
C SER B 75 0.64 -9.07 14.86
N PHE B 76 1.04 -9.76 13.80
CA PHE B 76 0.28 -10.99 13.52
C PHE B 76 1.03 -12.31 13.79
N LYS B 77 2.06 -12.24 14.65
CA LYS B 77 2.89 -13.39 14.98
C LYS B 77 2.02 -14.63 15.19
N ILE B 78 2.44 -15.75 14.64
CA ILE B 78 1.73 -16.98 14.88
C ILE B 78 2.11 -17.45 16.24
N LEU B 79 1.10 -17.78 17.03
CA LEU B 79 1.30 -18.29 18.37
C LEU B 79 1.08 -19.80 18.46
N GLU B 80 -0.02 -20.30 17.91
CA GLU B 80 -0.27 -21.71 18.01
C GLU B 80 -0.91 -22.16 16.70
N VAL B 81 -0.59 -23.36 16.25
CA VAL B 81 -1.42 -23.99 15.22
C VAL B 81 -1.70 -25.44 15.56
N VAL B 82 -2.98 -25.79 15.52
CA VAL B 82 -3.41 -27.18 15.70
C VAL B 82 -4.25 -27.58 14.49
N SER B 83 -4.19 -28.85 14.15
CA SER B 83 -4.99 -29.39 13.05
C SER B 83 -5.54 -30.73 13.43
N GLU B 84 -6.46 -31.22 12.60
CA GLU B 84 -7.08 -32.52 12.80
C GLU B 84 -7.68 -33.02 11.51
N ARG B 85 -7.53 -34.33 11.28
CA ARG B 85 -8.18 -35.00 10.16
C ARG B 85 -9.38 -35.78 10.63
N GLY B 86 -10.25 -36.16 9.69
CA GLY B 86 -11.47 -36.88 10.05
C GLY B 86 -12.28 -37.22 8.84
N GLU B 87 -13.17 -38.20 8.98
CA GLU B 87 -14.07 -38.53 7.89
C GLU B 87 -15.32 -37.66 7.93
N ILE B 88 -15.81 -37.33 6.76
CA ILE B 88 -17.00 -36.53 6.61
C ILE B 88 -18.14 -37.41 6.13
N THR B 89 -19.13 -37.59 6.99
CA THR B 89 -20.28 -38.44 6.70
C THR B 89 -21.50 -37.59 6.29
N PHE B 90 -21.56 -36.35 6.76
CA PHE B 90 -22.76 -35.53 6.55
C PHE B 90 -22.75 -34.86 5.18
N PRO B 91 -23.89 -34.91 4.44
CA PRO B 91 -24.03 -34.29 3.11
C PRO B 91 -23.84 -32.78 3.12
N TYR B 92 -23.20 -32.26 2.07
CA TYR B 92 -23.15 -30.84 1.84
C TYR B 92 -24.55 -30.32 1.56
N ILE B 93 -25.09 -29.52 2.50
CA ILE B 93 -26.40 -28.89 2.35
C ILE B 93 -26.33 -27.41 2.74
N PRO B 94 -26.56 -26.49 1.79
CA PRO B 94 -26.48 -25.09 2.15
C PRO B 94 -27.38 -24.77 3.33
N GLY B 95 -26.84 -24.02 4.29
CA GLY B 95 -27.53 -23.65 5.54
C GLY B 95 -27.38 -24.67 6.66
N LEU B 96 -26.57 -25.68 6.40
CA LEU B 96 -26.51 -26.82 7.29
C LEU B 96 -25.07 -27.30 7.35
N LEU B 97 -24.13 -26.42 6.99
CA LEU B 97 -22.75 -26.85 6.83
C LEU B 97 -22.02 -27.15 8.15
N ALA B 98 -22.49 -26.57 9.26
CA ALA B 98 -21.92 -26.87 10.57
C ALA B 98 -21.99 -28.33 10.94
N PHE B 99 -22.93 -29.06 10.34
CA PHE B 99 -23.10 -30.49 10.69
C PHE B 99 -22.10 -31.40 10.01
N ARG B 100 -21.55 -30.94 8.90
CA ARG B 100 -20.54 -31.72 8.24
C ARG B 100 -19.12 -31.28 8.62
N GLU B 101 -18.94 -30.07 9.13
CA GLU B 101 -17.60 -29.64 9.56
C GLU B 101 -17.45 -29.31 11.04
N GLY B 102 -18.58 -29.16 11.75
CA GLY B 102 -18.56 -28.98 13.20
C GLY B 102 -17.72 -29.97 14.00
N PRO B 103 -18.01 -31.28 13.92
CA PRO B 103 -17.28 -32.27 14.77
C PRO B 103 -15.75 -32.20 14.62
N LEU B 104 -15.30 -32.00 13.39
CA LEU B 104 -13.87 -31.85 13.10
C LEU B 104 -13.35 -30.59 13.75
N PHE B 105 -14.08 -29.48 13.57
CA PHE B 105 -13.58 -28.22 14.09
C PHE B 105 -13.25 -28.41 15.57
N LEU B 106 -14.19 -28.98 16.32
CA LEU B 106 -14.02 -28.94 17.75
C LEU B 106 -13.11 -30.03 18.34
N LYS B 107 -12.83 -31.08 17.57
CA LYS B 107 -11.74 -31.99 17.91
C LYS B 107 -10.43 -31.23 17.84
N ALA B 108 -10.23 -30.44 16.79
CA ALA B 108 -9.03 -29.60 16.69
C ALA B 108 -9.03 -28.56 17.80
N TRP B 109 -10.16 -27.91 18.04
CA TRP B 109 -10.29 -26.93 19.13
C TRP B 109 -9.79 -27.51 20.44
N GLU B 110 -10.10 -28.79 20.64
CA GLU B 110 -9.84 -29.58 21.85
C GLU B 110 -8.36 -29.62 22.17
N LYS B 111 -7.51 -29.62 21.15
CA LYS B 111 -6.08 -29.60 21.39
C LYS B 111 -5.39 -28.23 21.45
N LEU B 112 -6.14 -27.13 21.49
CA LEU B 112 -5.50 -25.83 21.68
C LEU B 112 -4.96 -25.83 23.09
N ARG B 113 -3.84 -25.16 23.31
CA ARG B 113 -3.26 -25.06 24.66
C ARG B 113 -3.67 -23.79 25.42
N THR B 114 -3.86 -22.70 24.67
CA THR B 114 -4.49 -21.47 25.21
C THR B 114 -5.71 -21.09 24.41
N LYS B 115 -6.71 -20.54 25.11
CA LYS B 115 -7.92 -20.05 24.47
C LYS B 115 -7.72 -18.66 23.86
N PRO B 116 -8.23 -18.45 22.62
CA PRO B 116 -8.16 -17.18 21.93
C PRO B 116 -9.25 -16.23 22.42
N ASP B 117 -9.16 -14.97 22.02
CA ASP B 117 -10.09 -13.95 22.49
C ASP B 117 -11.25 -13.88 21.51
N VAL B 118 -10.97 -14.17 20.26
CA VAL B 118 -11.96 -14.05 19.23
C VAL B 118 -11.60 -15.11 18.22
N VAL B 119 -12.65 -15.69 17.64
CA VAL B 119 -12.48 -16.71 16.63
C VAL B 119 -13.19 -16.32 15.31
N VAL B 120 -12.44 -16.29 14.22
CA VAL B 120 -13.00 -15.94 12.92
C VAL B 120 -13.11 -17.18 12.05
N PHE B 121 -14.25 -17.38 11.41
CA PHE B 121 -14.53 -18.56 10.57
C PHE B 121 -14.80 -18.14 9.14
N ASP B 122 -14.61 -19.09 8.23
CA ASP B 122 -14.86 -18.88 6.84
C ASP B 122 -16.31 -19.36 6.55
N GLY B 123 -17.26 -18.45 6.63
CA GLY B 123 -18.68 -18.77 6.55
C GLY B 123 -19.43 -17.57 7.07
N GLN B 124 -20.60 -17.77 7.68
CA GLN B 124 -21.20 -16.64 8.39
C GLN B 124 -21.80 -17.02 9.73
N GLY B 125 -22.64 -16.18 10.27
CA GLY B 125 -23.19 -16.49 11.57
C GLY B 125 -24.62 -16.11 11.57
N LEU B 126 -24.89 -14.87 11.97
CA LEU B 126 -26.25 -14.32 12.01
C LEU B 126 -26.94 -14.35 10.67
N ALA B 127 -26.17 -14.06 9.62
CA ALA B 127 -26.69 -14.06 8.26
C ALA B 127 -26.88 -15.48 7.78
N HIS B 128 -28.01 -16.05 8.16
CA HIS B 128 -28.29 -17.45 7.91
C HIS B 128 -29.79 -17.70 8.08
N PRO B 129 -30.37 -18.60 7.24
CA PRO B 129 -31.83 -18.86 7.27
C PRO B 129 -32.38 -19.07 8.68
N ARG B 130 -31.62 -19.78 9.54
CA ARG B 130 -31.99 -19.92 10.96
C ARG B 130 -31.17 -19.04 11.92
N LYS B 131 -30.56 -17.97 11.43
CA LYS B 131 -29.74 -17.16 12.29
C LYS B 131 -28.76 -18.04 13.10
N LEU B 132 -28.14 -18.99 12.41
CA LEU B 132 -27.20 -19.88 13.06
C LEU B 132 -26.23 -20.44 12.02
N GLY B 133 -25.44 -19.54 11.44
CA GLY B 133 -24.28 -19.88 10.66
C GLY B 133 -23.22 -20.58 11.50
N ILE B 134 -22.15 -20.95 10.79
CA ILE B 134 -21.10 -21.74 11.38
C ILE B 134 -20.58 -21.00 12.61
N ALA B 135 -20.24 -19.73 12.45
CA ALA B 135 -19.57 -18.97 13.49
C ALA B 135 -20.49 -18.93 14.70
N SER B 136 -21.79 -18.78 14.45
CA SER B 136 -22.75 -18.67 15.53
C SER B 136 -22.84 -19.99 16.26
N HIS B 137 -22.95 -21.09 15.51
CA HIS B 137 -23.09 -22.44 16.07
C HIS B 137 -21.81 -22.85 16.85
N GLY B 139 -19.65 -20.78 18.23
CA GLY B 139 -19.61 -19.90 19.40
C GLY B 139 -20.32 -20.46 20.62
N LEU B 140 -21.57 -20.85 20.39
CA LEU B 140 -22.34 -21.53 21.40
C LEU B 140 -21.51 -22.65 22.02
N PHE B 141 -20.89 -23.49 21.19
CA PHE B 141 -20.06 -24.58 21.73
C PHE B 141 -18.82 -24.08 22.46
N ILE B 142 -18.01 -23.23 21.84
CA ILE B 142 -16.73 -22.78 22.47
C ILE B 142 -16.79 -21.68 23.52
N GLU B 143 -17.87 -20.91 23.56
CA GLU B 143 -18.11 -19.89 24.59
C GLU B 143 -17.14 -18.73 24.53
N ILE B 144 -16.63 -18.39 23.36
CA ILE B 144 -15.92 -17.11 23.19
C ILE B 144 -16.41 -16.38 21.93
N PRO B 145 -16.25 -15.05 21.87
CA PRO B 145 -16.82 -14.33 20.72
C PRO B 145 -16.36 -14.87 19.34
N THR B 146 -17.31 -15.03 18.43
CA THR B 146 -16.98 -15.48 17.07
C THR B 146 -17.47 -14.51 15.99
N ILE B 147 -16.79 -14.50 14.84
CA ILE B 147 -17.22 -13.72 13.66
C ILE B 147 -17.17 -14.63 12.44
N GLY B 148 -18.17 -14.53 11.58
CA GLY B 148 -18.10 -15.26 10.31
C GLY B 148 -17.71 -14.30 9.21
N VAL B 149 -16.75 -14.68 8.39
CA VAL B 149 -16.35 -13.87 7.23
C VAL B 149 -16.46 -14.70 5.98
N ALA B 150 -17.28 -14.26 5.03
CA ALA B 150 -17.36 -15.00 3.80
C ALA B 150 -16.82 -14.21 2.61
N LYS B 151 -16.35 -14.95 1.61
CA LYS B 151 -15.83 -14.39 0.34
C LYS B 151 -16.97 -14.06 -0.63
N SER B 152 -18.16 -14.59 -0.35
CA SER B 152 -19.26 -14.43 -1.26
C SER B 152 -20.59 -14.36 -0.52
N ARG B 153 -21.56 -13.65 -1.07
CA ARG B 153 -22.87 -13.59 -0.46
C ARG B 153 -23.51 -14.99 -0.44
N LEU B 154 -23.87 -15.44 0.76
CA LEU B 154 -24.66 -16.64 0.91
C LEU B 154 -26.09 -16.34 1.33
N TYR B 155 -26.25 -15.30 2.16
CA TYR B 155 -27.54 -14.99 2.71
C TYR B 155 -27.69 -13.49 2.97
N GLY B 156 -28.93 -13.00 2.82
CA GLY B 156 -29.23 -11.60 3.02
C GLY B 156 -29.05 -10.69 1.80
N THR B 157 -29.58 -9.47 1.89
CA THR B 157 -29.49 -8.52 0.79
C THR B 157 -28.61 -7.36 1.16
N PHE B 158 -28.07 -6.71 0.12
CA PHE B 158 -27.12 -5.63 0.28
C PHE B 158 -26.90 -4.86 -1.01
N LYS B 159 -26.42 -3.63 -0.89
CA LYS B 159 -26.00 -2.87 -2.05
C LYS B 159 -24.49 -2.91 -2.09
N PRO B 161 -20.85 -1.99 -1.93
CA PRO B 161 -20.15 -0.82 -1.35
C PRO B 161 -19.39 0.01 -2.39
N GLU B 162 -18.98 1.23 -2.02
CA GLU B 162 -18.16 2.07 -2.90
C GLU B 162 -16.88 1.30 -3.25
N ASP B 163 -16.28 1.59 -4.40
CA ASP B 163 -15.01 0.93 -4.72
C ASP B 163 -13.82 1.29 -3.83
N LYS B 164 -13.78 2.50 -3.28
CA LYS B 164 -12.75 2.90 -2.31
C LYS B 164 -12.49 1.83 -1.21
N ARG B 165 -11.22 1.70 -0.79
CA ARG B 165 -10.82 0.80 0.29
C ARG B 165 -11.44 1.25 1.58
N CYS B 166 -11.96 0.30 2.36
CA CYS B 166 -12.63 0.58 3.65
C CYS B 166 -14.11 1.00 3.53
N SER B 167 -14.63 1.13 2.30
CA SER B 167 -16.06 1.38 2.14
C SER B 167 -16.84 0.19 2.63
N TRP B 168 -18.08 0.41 2.99
CA TRP B 168 -18.87 -0.66 3.48
C TRP B 168 -20.33 -0.35 3.21
N SER B 169 -21.18 -1.37 3.35
CA SER B 169 -22.65 -1.23 3.34
C SER B 169 -23.20 -2.30 4.26
N TYR B 170 -24.47 -2.14 4.67
CA TYR B 170 -25.13 -3.12 5.58
C TYR B 170 -25.66 -4.30 4.80
N LEU B 171 -25.78 -5.42 5.51
CA LEU B 171 -26.42 -6.60 5.01
C LEU B 171 -27.75 -6.82 5.78
N TYR B 172 -28.79 -7.17 5.01
CA TYR B 172 -30.16 -7.17 5.47
C TYR B 172 -30.82 -8.51 5.27
N ASP B 173 -31.75 -8.81 6.17
CA ASP B 173 -32.80 -9.79 5.92
C ASP B 173 -33.98 -9.30 6.75
N GLY B 174 -35.18 -9.38 6.18
CA GLY B 174 -36.37 -8.78 6.80
C GLY B 174 -36.19 -7.30 7.12
N GLU B 175 -35.27 -6.63 6.40
CA GLU B 175 -34.91 -5.20 6.62
C GLU B 175 -34.23 -4.96 7.97
N GLU B 176 -33.54 -5.98 8.46
CA GLU B 176 -32.75 -5.89 9.68
C GLU B 176 -31.32 -6.09 9.32
N ILE B 177 -30.45 -5.35 9.99
CA ILE B 177 -28.99 -5.44 9.76
C ILE B 177 -28.51 -6.75 10.35
N ILE B 178 -28.05 -7.65 9.47
CA ILE B 178 -27.58 -9.00 9.87
C ILE B 178 -26.07 -9.25 9.63
N GLY B 179 -25.35 -8.19 9.25
CA GLY B 179 -23.93 -8.25 8.91
C GLY B 179 -23.51 -6.95 8.23
N CYS B 180 -22.35 -6.92 7.59
CA CYS B 180 -22.02 -5.81 6.69
C CYS B 180 -21.11 -6.36 5.58
N VAL B 181 -20.86 -5.52 4.59
CA VAL B 181 -20.10 -5.91 3.43
C VAL B 181 -18.96 -4.89 3.39
N ILE B 182 -17.72 -5.36 3.39
CA ILE B 182 -16.56 -4.46 3.44
C ILE B 182 -15.66 -4.58 2.20
N ARG B 183 -15.36 -3.44 1.58
CA ARG B 183 -14.35 -3.40 0.55
C ARG B 183 -12.94 -3.38 1.19
N THR B 184 -12.37 -4.58 1.36
CA THR B 184 -11.08 -4.68 2.03
C THR B 184 -9.95 -4.32 1.11
N LYS B 185 -10.11 -4.59 -0.19
CA LYS B 185 -9.19 -4.03 -1.17
C LYS B 185 -9.77 -3.60 -2.53
N GLU B 186 -9.39 -2.40 -2.95
CA GLU B 186 -9.81 -1.82 -4.22
C GLU B 186 -9.52 -2.75 -5.35
N GLY B 187 -10.47 -2.82 -6.29
CA GLY B 187 -10.35 -3.70 -7.46
C GLY B 187 -10.71 -5.14 -7.16
N SER B 188 -11.11 -5.43 -5.94
CA SER B 188 -11.51 -6.79 -5.62
C SER B 188 -12.86 -6.82 -4.95
N ALA B 189 -13.54 -7.96 -5.10
CA ALA B 189 -14.82 -8.20 -4.46
C ALA B 189 -14.72 -7.90 -2.97
N PRO B 190 -15.85 -7.52 -2.38
CA PRO B 190 -15.88 -7.24 -0.95
C PRO B 190 -15.94 -8.54 -0.18
N ILE B 191 -15.85 -8.45 1.14
CA ILE B 191 -16.15 -9.62 1.95
C ILE B 191 -17.42 -9.40 2.76
N PHE B 192 -17.99 -10.49 3.27
CA PHE B 192 -19.29 -10.48 3.94
C PHE B 192 -19.11 -10.96 5.35
N VAL B 193 -19.41 -10.08 6.29
CA VAL B 193 -19.00 -10.24 7.66
C VAL B 193 -20.25 -10.29 8.49
N SER B 194 -20.36 -11.34 9.29
CA SER B 194 -21.54 -11.53 10.14
C SER B 194 -21.09 -11.99 11.53
N PRO B 195 -21.73 -11.48 12.60
CA PRO B 195 -21.48 -11.86 14.00
C PRO B 195 -21.88 -13.30 14.21
N GLY B 196 -21.11 -13.98 15.07
CA GLY B 196 -21.46 -15.32 15.46
C GLY B 196 -22.15 -15.17 16.79
N HIS B 197 -21.45 -15.59 17.85
CA HIS B 197 -21.95 -15.57 19.22
C HIS B 197 -21.11 -14.56 19.97
N LEU B 198 -21.64 -14.08 21.08
CA LEU B 198 -20.93 -13.09 21.90
C LEU B 198 -20.24 -11.97 21.09
N ASP B 200 -21.41 -8.67 17.84
CA ASP B 200 -22.50 -7.95 17.14
C ASP B 200 -22.02 -7.42 15.80
N VAL B 201 -22.91 -6.76 15.06
CA VAL B 201 -22.56 -6.23 13.73
C VAL B 201 -21.46 -5.17 13.74
N GLU B 202 -21.66 -4.14 14.55
CA GLU B 202 -20.72 -3.04 14.65
C GLU B 202 -19.36 -3.54 15.11
N SER B 203 -19.31 -4.37 16.16
CA SER B 203 -18.02 -4.88 16.68
C SER B 203 -17.28 -5.74 15.67
N SER B 204 -18.01 -6.53 14.91
CA SER B 204 -17.37 -7.44 14.01
C SER B 204 -16.86 -6.67 12.80
N LYS B 205 -17.54 -5.60 12.44
CA LYS B 205 -17.04 -4.70 11.42
C LYS B 205 -15.71 -4.07 11.83
N ARG B 206 -15.67 -3.48 13.02
CA ARG B 206 -14.49 -2.84 13.52
C ARG B 206 -13.33 -3.81 13.53
N LEU B 207 -13.58 -5.02 14.07
CA LEU B 207 -12.52 -6.00 14.21
C LEU B 207 -12.11 -6.61 12.86
N ILE B 208 -13.05 -6.96 11.99
CA ILE B 208 -12.62 -7.55 10.72
C ILE B 208 -11.76 -6.51 9.98
N LYS B 209 -12.16 -5.25 10.13
CA LYS B 209 -11.38 -4.17 9.50
C LYS B 209 -9.95 -4.18 10.06
N ALA B 210 -9.80 -4.28 11.37
CA ALA B 210 -8.47 -4.35 11.98
C ALA B 210 -7.74 -5.66 11.69
N PHE B 211 -8.46 -6.74 11.39
CA PHE B 211 -7.75 -8.00 11.11
C PHE B 211 -7.27 -8.10 9.69
N THR B 212 -7.66 -7.15 8.82
CA THR B 212 -7.31 -7.24 7.41
C THR B 212 -6.26 -6.18 7.04
N LEU B 213 -5.13 -6.64 6.53
CA LEU B 213 -3.99 -5.79 6.24
C LEU B 213 -4.09 -5.05 4.89
N PRO B 214 -3.41 -3.88 4.79
CA PRO B 214 -3.27 -3.16 3.53
C PRO B 214 -2.92 -4.10 2.37
N GLY B 215 -3.74 -4.09 1.32
CA GLY B 215 -3.48 -4.86 0.13
C GLY B 215 -3.81 -6.32 0.30
N ARG B 216 -4.59 -6.63 1.33
CA ARG B 216 -5.14 -7.96 1.47
C ARG B 216 -6.65 -7.86 1.44
N ARG B 217 -7.28 -8.77 0.71
CA ARG B 217 -8.72 -8.84 0.69
C ARG B 217 -9.21 -9.59 1.93
N ILE B 218 -8.44 -10.59 2.33
CA ILE B 218 -8.84 -11.51 3.40
C ILE B 218 -8.16 -11.18 4.72
N PRO B 219 -8.91 -11.23 5.86
CA PRO B 219 -8.29 -10.96 7.16
C PRO B 219 -7.24 -12.02 7.43
N GLU B 220 -6.13 -11.59 8.03
CA GLU B 220 -5.00 -12.49 8.28
C GLU B 220 -5.44 -13.78 8.94
N PRO B 221 -6.21 -13.69 10.03
CA PRO B 221 -6.57 -14.95 10.70
C PRO B 221 -6.93 -16.09 9.76
N THR B 222 -7.95 -15.88 8.95
CA THR B 222 -8.43 -16.95 8.11
C THR B 222 -7.53 -17.08 6.92
N ARG B 223 -6.96 -15.96 6.47
CA ARG B 223 -6.00 -15.99 5.38
C ARG B 223 -4.87 -16.93 5.73
N LEU B 224 -4.32 -16.80 6.93
CA LEU B 224 -3.21 -17.65 7.35
C LEU B 224 -3.66 -19.08 7.65
N ALA B 225 -4.91 -19.22 8.10
CA ALA B 225 -5.55 -20.52 8.24
C ALA B 225 -5.46 -21.25 6.93
N HIS B 226 -5.79 -20.57 5.85
CA HIS B 226 -5.78 -21.24 4.57
C HIS B 226 -4.36 -21.62 4.16
N ILE B 227 -3.41 -20.69 4.32
CA ILE B 227 -2.05 -20.96 3.94
C ILE B 227 -1.51 -22.21 4.63
N TYR B 228 -1.95 -22.43 5.85
CA TYR B 228 -1.55 -23.62 6.56
C TYR B 228 -2.21 -24.88 6.02
N THR B 229 -3.47 -24.75 5.60
CA THR B 229 -4.21 -25.88 5.07
C THR B 229 -3.51 -26.40 3.84
N GLN B 230 -3.02 -25.47 3.02
CA GLN B 230 -2.33 -25.79 1.76
C GLN B 230 -0.99 -26.43 2.07
N ARG B 231 -0.42 -26.10 3.21
CA ARG B 231 0.85 -26.70 3.59
C ARG B 231 0.66 -28.05 4.27
N LEU B 232 -0.56 -28.32 4.73
CA LEU B 232 -0.85 -29.62 5.32
C LEU B 232 -1.54 -30.52 4.30
N LYS B 233 -1.77 -29.99 3.09
CA LYS B 233 -2.39 -30.73 1.98
C LYS B 233 -1.36 -31.57 1.18
N HIS C 11 -23.16 8.68 -12.93
CA HIS C 11 -22.08 7.80 -12.38
C HIS C 11 -20.90 8.68 -11.88
N HIS C 12 -20.01 9.10 -12.80
CA HIS C 12 -18.77 9.82 -12.40
C HIS C 12 -18.35 11.03 -13.29
N ASP C 14 -15.91 13.32 -15.84
CA ASP C 14 -15.35 13.02 -17.15
C ASP C 14 -14.53 14.16 -17.72
N TYR C 15 -13.75 13.82 -18.75
CA TYR C 15 -12.90 14.78 -19.43
C TYR C 15 -12.50 14.41 -20.86
N ARG C 16 -12.29 15.39 -21.73
CA ARG C 16 -11.84 15.09 -23.09
C ARG C 16 -10.34 14.81 -23.16
N GLN C 17 -9.94 13.80 -23.90
CA GLN C 17 -8.51 13.61 -24.10
C GLN C 17 -8.12 14.50 -25.26
N LEU C 18 -7.72 15.73 -24.96
CA LEU C 18 -7.49 16.73 -26.01
C LEU C 18 -6.20 16.50 -26.77
N HIS C 19 -5.29 15.74 -26.14
CA HIS C 19 -3.97 15.43 -26.68
C HIS C 19 -3.24 14.49 -25.72
N ARG C 20 -2.19 13.84 -26.19
CA ARG C 20 -1.41 12.95 -25.34
C ARG C 20 -0.53 13.70 -24.33
N TRP C 21 -0.06 13.01 -23.32
CA TRP C 21 0.69 13.67 -22.26
C TRP C 21 2.20 13.40 -22.34
N ASP C 22 2.58 12.35 -23.05
CA ASP C 22 3.96 11.91 -23.19
C ASP C 22 4.57 12.58 -24.40
N LEU C 23 4.60 13.91 -24.36
CA LEU C 23 5.18 14.75 -25.39
C LEU C 23 6.55 15.21 -24.93
N PRO C 24 7.52 15.40 -25.83
CA PRO C 24 8.73 16.11 -25.41
C PRO C 24 8.41 17.58 -25.12
N PRO C 25 9.23 18.25 -24.31
CA PRO C 25 8.90 19.65 -23.98
C PRO C 25 8.62 20.53 -25.22
N GLU C 26 9.44 20.42 -26.26
CA GLU C 26 9.23 21.25 -27.43
C GLU C 26 7.81 21.11 -27.96
N GLU C 27 7.29 19.89 -27.93
CA GLU C 27 5.97 19.62 -28.48
C GLU C 27 4.91 20.10 -27.50
N ALA C 28 5.18 19.94 -26.22
CA ALA C 28 4.31 20.47 -25.19
C ALA C 28 4.18 22.00 -25.26
N ILE C 29 5.31 22.71 -25.39
CA ILE C 29 5.26 24.16 -25.60
C ILE C 29 4.29 24.53 -26.71
N LYS C 30 4.32 23.77 -27.81
CA LYS C 30 3.43 24.08 -28.92
C LYS C 30 1.97 23.91 -28.52
N VAL C 31 1.69 22.89 -27.72
CA VAL C 31 0.33 22.57 -27.30
C VAL C 31 -0.26 23.70 -26.49
N GLN C 32 0.58 24.30 -25.62
CA GLN C 32 0.19 25.48 -24.85
C GLN C 32 -0.22 26.63 -25.75
N ASN C 33 0.60 26.92 -26.75
CA ASN C 33 0.36 28.09 -27.58
C ASN C 33 -0.82 27.90 -28.47
N GLU C 34 -1.19 26.65 -28.70
CA GLU C 34 -2.39 26.38 -29.46
C GLU C 34 -3.62 26.46 -28.55
N LEU C 35 -3.58 25.67 -27.46
CA LEU C 35 -4.73 25.55 -26.55
C LEU C 35 -5.10 26.86 -25.92
N ARG C 36 -4.13 27.74 -25.75
CA ARG C 36 -4.37 29.06 -25.19
C ARG C 36 -5.50 29.78 -25.91
N LYS C 37 -5.68 29.47 -27.19
CA LYS C 37 -6.69 30.10 -28.04
C LYS C 37 -8.10 29.61 -27.76
N LYS C 38 -8.20 28.43 -27.13
CA LYS C 38 -9.50 27.79 -26.84
C LYS C 38 -10.14 28.24 -25.51
N ILE C 39 -9.38 28.98 -24.70
CA ILE C 39 -9.82 29.44 -23.38
C ILE C 39 -11.00 30.41 -23.51
N LYS C 40 -12.04 30.16 -22.72
CA LYS C 40 -13.20 31.02 -22.68
C LYS C 40 -13.14 31.82 -21.42
N LEU C 41 -12.80 33.09 -21.53
CA LEU C 41 -12.77 33.93 -20.35
C LEU C 41 -14.17 34.41 -19.91
N THR C 42 -15.04 33.48 -19.50
CA THR C 42 -16.43 33.79 -19.21
C THR C 42 -16.64 34.31 -17.79
N PRO C 43 -17.48 35.35 -17.63
CA PRO C 43 -17.88 35.74 -16.27
C PRO C 43 -18.58 34.56 -15.53
N TYR C 44 -18.31 34.42 -14.23
CA TYR C 44 -19.03 33.47 -13.43
C TYR C 44 -20.08 34.20 -12.57
N GLU C 45 -21.34 34.03 -12.91
CA GLU C 45 -22.41 34.63 -12.11
C GLU C 45 -22.95 33.77 -10.96
N GLY C 46 -23.31 34.45 -9.87
CA GLY C 46 -23.82 33.79 -8.67
C GLY C 46 -22.78 33.16 -7.77
N GLU C 47 -23.28 32.42 -6.79
CA GLU C 47 -22.46 31.67 -5.83
C GLU C 47 -22.42 30.22 -6.28
N PRO C 48 -21.26 29.55 -6.16
CA PRO C 48 -21.29 28.13 -6.47
C PRO C 48 -21.91 27.37 -5.32
N GLU C 49 -22.58 26.26 -5.62
CA GLU C 49 -22.95 25.31 -4.57
C GLU C 49 -21.78 24.40 -4.16
N TYR C 50 -20.92 24.05 -5.13
CA TYR C 50 -19.84 23.10 -4.90
C TYR C 50 -18.51 23.59 -5.47
N VAL C 51 -17.48 23.56 -4.63
CA VAL C 51 -16.19 24.13 -4.97
C VAL C 51 -15.14 23.08 -4.66
N ALA C 52 -14.28 22.78 -5.65
CA ALA C 52 -13.27 21.75 -5.49
C ALA C 52 -11.87 22.31 -5.39
N GLY C 53 -11.05 21.70 -4.54
CA GLY C 53 -9.68 22.17 -4.29
C GLY C 53 -8.74 21.04 -4.61
N VAL C 54 -7.61 21.35 -5.21
CA VAL C 54 -6.69 20.32 -5.64
C VAL C 54 -5.34 20.54 -4.99
N ASP C 55 -4.75 19.46 -4.51
CA ASP C 55 -3.39 19.51 -4.01
C ASP C 55 -2.60 18.38 -4.65
N LEU C 56 -1.53 18.73 -5.37
CA LEU C 56 -0.71 17.72 -6.02
C LEU C 56 0.62 17.70 -5.31
N SER C 57 0.87 16.66 -4.51
CA SER C 57 2.09 16.54 -3.75
C SER C 57 2.98 15.43 -4.31
N PHE C 58 4.21 15.33 -3.81
CA PHE C 58 5.26 14.46 -4.37
C PHE C 58 6.05 13.74 -3.28
N PRO C 59 5.53 12.60 -2.81
CA PRO C 59 6.23 11.80 -1.78
C PRO C 59 7.69 11.44 -2.08
N GLY C 60 8.05 11.42 -3.36
CA GLY C 60 9.43 11.18 -3.82
C GLY C 60 9.59 11.66 -5.26
N LYS C 61 10.81 11.53 -5.79
CA LYS C 61 11.15 12.13 -7.11
C LYS C 61 10.33 11.55 -8.27
N GLU C 62 9.90 10.29 -8.19
CA GLU C 62 9.09 9.73 -9.27
C GLU C 62 7.68 9.34 -8.86
N GLU C 63 7.19 9.79 -7.72
CA GLU C 63 5.85 9.46 -7.36
C GLU C 63 5.05 10.66 -6.85
N GLY C 64 3.82 10.76 -7.37
CA GLY C 64 2.95 11.87 -7.06
C GLY C 64 1.74 11.41 -6.30
N LEU C 65 1.14 12.31 -5.53
CA LEU C 65 -0.15 12.07 -4.94
C LEU C 65 -1.05 13.21 -5.39
N ALA C 66 -2.24 12.88 -5.89
CA ALA C 66 -3.23 13.91 -6.25
C ALA C 66 -4.39 13.83 -5.28
N VAL C 67 -4.70 14.95 -4.64
CA VAL C 67 -5.80 14.98 -3.69
C VAL C 67 -6.80 15.98 -4.16
N ILE C 68 -8.06 15.56 -4.32
CA ILE C 68 -9.14 16.48 -4.67
C ILE C 68 -10.20 16.44 -3.59
N VAL C 69 -10.53 17.61 -3.04
CA VAL C 69 -11.67 17.71 -2.12
C VAL C 69 -12.77 18.53 -2.80
N VAL C 70 -14.02 18.15 -2.59
CA VAL C 70 -15.16 18.92 -3.10
C VAL C 70 -15.83 19.43 -1.86
N LEU C 71 -16.20 20.72 -1.85
CA LEU C 71 -16.79 21.35 -0.68
C LEU C 71 -18.14 21.94 -0.94
N GLU C 72 -18.95 22.00 0.09
CA GLU C 72 -20.20 22.72 0.01
C GLU C 72 -19.84 24.17 0.19
N TYR C 73 -20.39 25.05 -0.63
CA TYR C 73 -20.24 26.48 -0.44
C TYR C 73 -21.62 27.08 -0.06
N PRO C 74 -21.67 28.03 0.89
CA PRO C 74 -20.59 28.62 1.68
C PRO C 74 -20.15 27.88 2.97
N SER C 75 -20.74 26.74 3.31
CA SER C 75 -20.24 25.94 4.46
C SER C 75 -18.75 25.73 4.49
N PHE C 76 -18.18 25.31 3.36
CA PHE C 76 -16.84 24.73 3.30
C PHE C 76 -16.82 23.33 3.90
N LYS C 77 -18.03 22.81 4.19
CA LYS C 77 -18.19 21.46 4.69
C LYS C 77 -17.71 20.52 3.62
N ILE C 78 -16.87 19.57 4.00
CA ILE C 78 -16.32 18.57 3.08
C ILE C 78 -17.36 17.55 2.60
N LEU C 79 -17.69 17.60 1.31
CA LEU C 79 -18.59 16.63 0.71
C LEU C 79 -17.90 15.36 0.24
N GLU C 80 -16.78 15.45 -0.48
CA GLU C 80 -16.11 14.28 -1.04
C GLU C 80 -14.59 14.47 -1.10
N VAL C 81 -13.84 13.41 -0.80
CA VAL C 81 -12.38 13.42 -1.02
C VAL C 81 -11.89 12.23 -1.86
N VAL C 82 -11.18 12.53 -2.94
CA VAL C 82 -10.52 11.46 -3.70
C VAL C 82 -9.04 11.69 -3.79
N SER C 83 -8.32 10.58 -3.87
CA SER C 83 -6.87 10.64 -4.03
C SER C 83 -6.38 9.52 -4.91
N GLU C 84 -5.21 9.74 -5.53
CA GLU C 84 -4.58 8.76 -6.40
C GLU C 84 -3.05 8.95 -6.36
N ARG C 85 -2.29 7.87 -6.21
CA ARG C 85 -0.82 7.90 -6.27
C ARG C 85 -0.43 7.37 -7.62
N GLY C 86 0.73 7.74 -8.15
CA GLY C 86 1.18 7.24 -9.45
C GLY C 86 2.56 7.76 -9.79
N GLU C 87 3.21 7.26 -10.83
CA GLU C 87 4.54 7.77 -11.07
C GLU C 87 4.53 9.10 -11.81
N ILE C 88 5.64 9.83 -11.70
CA ILE C 88 5.83 11.12 -12.31
C ILE C 88 7.08 10.94 -13.12
N THR C 89 6.93 11.04 -14.43
CA THR C 89 8.00 10.78 -15.39
C THR C 89 8.52 12.10 -15.93
N PHE C 90 7.61 12.92 -16.45
CA PHE C 90 7.92 14.21 -17.07
C PHE C 90 8.65 15.12 -16.09
N PRO C 91 9.79 15.70 -16.51
CA PRO C 91 10.58 16.53 -15.61
C PRO C 91 9.96 17.89 -15.28
N TYR C 92 10.39 18.42 -14.14
CA TYR C 92 9.92 19.68 -13.62
C TYR C 92 10.51 20.86 -14.42
N ILE C 93 9.64 21.56 -15.15
CA ILE C 93 10.06 22.73 -15.97
C ILE C 93 9.11 23.89 -15.72
N PRO C 94 9.60 25.00 -15.15
CA PRO C 94 8.64 26.05 -14.85
C PRO C 94 7.82 26.40 -16.08
N GLY C 95 6.50 26.50 -15.91
CA GLY C 95 5.60 26.76 -17.03
C GLY C 95 5.14 25.55 -17.82
N LEU C 96 5.60 24.38 -17.42
CA LEU C 96 5.25 23.14 -18.10
C LEU C 96 4.72 22.12 -17.07
N LEU C 97 4.20 22.64 -15.97
CA LEU C 97 3.85 21.80 -14.86
C LEU C 97 2.69 20.92 -15.21
N ALA C 98 1.82 21.43 -16.05
CA ALA C 98 0.65 20.66 -16.38
C ALA C 98 1.05 19.28 -16.85
N PHE C 99 2.16 19.18 -17.54
CA PHE C 99 2.58 17.91 -18.16
C PHE C 99 3.19 16.93 -17.19
N ARG C 100 3.35 17.37 -15.95
CA ARG C 100 3.99 16.59 -14.94
C ARG C 100 2.94 16.16 -13.93
N GLU C 101 2.16 17.14 -13.49
CA GLU C 101 1.07 16.94 -12.54
C GLU C 101 -0.28 16.55 -13.21
N GLY C 102 -0.44 16.89 -14.47
CA GLY C 102 -1.76 16.81 -15.11
C GLY C 102 -2.32 15.40 -15.11
N PRO C 103 -1.57 14.43 -15.70
CA PRO C 103 -2.07 13.08 -15.85
C PRO C 103 -2.58 12.50 -14.55
N LEU C 104 -1.93 12.85 -13.45
CA LEU C 104 -2.26 12.24 -12.18
C LEU C 104 -3.52 12.88 -11.58
N PHE C 105 -3.72 14.15 -11.89
CA PHE C 105 -4.91 14.86 -11.48
C PHE C 105 -6.11 14.30 -12.22
N LEU C 106 -5.93 14.09 -13.53
CA LEU C 106 -6.97 13.51 -14.33
C LEU C 106 -7.42 12.15 -13.76
N LYS C 107 -6.52 11.32 -13.21
CA LYS C 107 -6.96 10.01 -12.65
C LYS C 107 -7.76 10.19 -11.36
N ALA C 108 -7.29 11.07 -10.47
CA ALA C 108 -8.09 11.44 -9.29
C ALA C 108 -9.49 11.97 -9.69
N TRP C 109 -9.53 12.79 -10.74
CA TRP C 109 -10.74 13.47 -11.22
C TRP C 109 -11.88 12.53 -11.58
N GLU C 110 -11.59 11.47 -12.32
CA GLU C 110 -12.63 10.52 -12.70
C GLU C 110 -13.19 9.64 -11.58
N LYS C 111 -12.56 9.66 -10.41
CA LYS C 111 -13.13 9.02 -9.22
C LYS C 111 -14.21 9.90 -8.54
N LEU C 112 -14.40 11.14 -8.99
CA LEU C 112 -15.36 12.03 -8.35
C LEU C 112 -16.83 11.67 -8.68
N ARG C 113 -17.67 11.59 -7.65
CA ARG C 113 -19.12 11.49 -7.89
C ARG C 113 -19.81 12.87 -7.97
N THR C 114 -19.27 13.86 -7.27
CA THR C 114 -19.92 15.15 -7.25
C THR C 114 -19.31 16.17 -8.23
N LYS C 115 -20.18 16.86 -8.95
CA LYS C 115 -19.75 17.81 -9.96
C LYS C 115 -19.46 19.12 -9.24
N PRO C 116 -18.20 19.59 -9.27
CA PRO C 116 -17.92 20.96 -8.83
C PRO C 116 -18.51 22.03 -9.76
N ASP C 117 -18.80 23.21 -9.22
CA ASP C 117 -19.16 24.37 -10.01
C ASP C 117 -17.94 25.17 -10.47
N VAL C 118 -16.82 24.96 -9.76
CA VAL C 118 -15.57 25.67 -9.93
C VAL C 118 -14.48 24.78 -9.34
N VAL C 119 -13.32 24.70 -9.99
CA VAL C 119 -12.22 23.98 -9.43
C VAL C 119 -11.08 24.98 -9.18
N VAL C 120 -10.50 24.94 -7.98
CA VAL C 120 -9.39 25.82 -7.61
C VAL C 120 -8.06 25.03 -7.51
N PHE C 121 -7.03 25.48 -8.22
CA PHE C 121 -5.71 24.84 -8.23
C PHE C 121 -4.66 25.70 -7.57
N ASP C 122 -3.62 25.04 -7.12
CA ASP C 122 -2.43 25.71 -6.63
C ASP C 122 -1.44 25.85 -7.81
N GLY C 123 -1.32 27.09 -8.29
CA GLY C 123 -0.55 27.38 -9.49
C GLY C 123 -1.22 28.48 -10.27
N GLN C 124 -0.83 28.62 -11.53
CA GLN C 124 -1.30 29.69 -12.40
C GLN C 124 -2.45 29.27 -13.29
N GLY C 125 -3.22 30.25 -13.75
CA GLY C 125 -4.17 30.07 -14.84
C GLY C 125 -3.71 30.88 -16.03
N LEU C 126 -4.30 32.04 -16.23
CA LEU C 126 -3.90 32.89 -17.32
C LEU C 126 -2.54 33.58 -17.09
N ALA C 127 -2.20 33.86 -15.84
CA ALA C 127 -0.96 34.54 -15.49
C ALA C 127 0.23 33.63 -15.72
N HIS C 128 0.55 33.40 -16.99
CA HIS C 128 1.47 32.32 -17.40
C HIS C 128 2.19 32.77 -18.69
N PRO C 129 3.47 32.41 -18.87
CA PRO C 129 4.18 32.87 -20.10
C PRO C 129 3.38 32.68 -21.39
N ARG C 130 2.76 31.53 -21.59
CA ARG C 130 1.97 31.35 -22.79
C ARG C 130 0.47 31.28 -22.49
N LYS C 131 0.07 31.96 -21.42
CA LYS C 131 -1.33 32.13 -21.04
C LYS C 131 -2.05 30.80 -20.84
N LEU C 132 -1.40 29.83 -20.21
CA LEU C 132 -2.05 28.52 -20.04
C LEU C 132 -1.42 27.73 -18.93
N GLY C 133 -1.52 28.26 -17.73
CA GLY C 133 -1.17 27.52 -16.57
C GLY C 133 -2.03 26.28 -16.38
N ILE C 134 -1.64 25.50 -15.37
CA ILE C 134 -2.33 24.28 -15.04
C ILE C 134 -3.85 24.52 -14.89
N ALA C 135 -4.22 25.55 -14.15
CA ALA C 135 -5.64 25.88 -13.98
C ALA C 135 -6.36 25.96 -15.31
N SER C 136 -5.73 26.57 -16.32
CA SER C 136 -6.47 26.78 -17.57
C SER C 136 -6.44 25.55 -18.43
N HIS C 137 -5.38 24.78 -18.28
CA HIS C 137 -5.15 23.65 -19.11
C HIS C 137 -6.08 22.55 -18.64
N GLY C 139 -8.72 23.08 -17.08
CA GLY C 139 -10.07 23.56 -17.19
C GLY C 139 -10.57 23.20 -18.57
N LEU C 140 -9.63 23.12 -19.51
CA LEU C 140 -9.95 22.76 -20.87
C LEU C 140 -10.32 21.28 -20.93
N PHE C 141 -9.68 20.47 -20.10
CA PHE C 141 -9.86 19.03 -20.13
C PHE C 141 -11.20 18.67 -19.49
N ILE C 142 -11.48 19.28 -18.34
CA ILE C 142 -12.61 18.87 -17.51
C ILE C 142 -13.83 19.72 -17.84
N GLU C 143 -13.58 20.77 -18.60
CA GLU C 143 -14.60 21.72 -19.03
C GLU C 143 -15.50 22.20 -17.90
N ILE C 144 -14.91 22.76 -16.86
CA ILE C 144 -15.72 23.48 -15.87
C ILE C 144 -14.90 24.68 -15.42
N PRO C 145 -15.53 25.74 -14.85
CA PRO C 145 -14.77 26.91 -14.40
C PRO C 145 -13.62 26.53 -13.47
N THR C 146 -12.43 27.05 -13.77
CA THR C 146 -11.28 26.82 -12.91
C THR C 146 -10.60 28.13 -12.53
N ILE C 147 -9.96 28.15 -11.35
CA ILE C 147 -9.13 29.28 -10.93
C ILE C 147 -7.76 28.84 -10.47
N GLY C 148 -6.79 29.74 -10.64
CA GLY C 148 -5.39 29.46 -10.34
C GLY C 148 -4.95 30.34 -9.21
N VAL C 149 -4.61 29.74 -8.10
CA VAL C 149 -4.13 30.49 -6.96
C VAL C 149 -2.73 30.02 -6.64
N ALA C 150 -1.77 30.95 -6.76
CA ALA C 150 -0.35 30.63 -6.55
C ALA C 150 0.26 31.42 -5.40
N LYS C 151 1.20 30.81 -4.68
CA LYS C 151 1.83 31.48 -3.56
C LYS C 151 2.90 32.49 -4.01
N SER C 152 3.10 32.61 -5.32
CA SER C 152 4.15 33.42 -5.90
C SER C 152 4.01 33.63 -7.43
N ARG C 153 4.75 34.57 -7.98
CA ARG C 153 4.51 34.98 -9.36
C ARG C 153 5.33 34.23 -10.44
N LEU C 154 4.64 33.60 -11.38
CA LEU C 154 5.33 33.07 -12.57
C LEU C 154 5.54 34.17 -13.61
N TYR C 155 4.51 35.02 -13.80
CA TYR C 155 4.50 35.94 -14.91
C TYR C 155 3.59 37.15 -14.64
N GLY C 156 3.94 38.29 -15.23
CA GLY C 156 3.13 39.51 -15.15
C GLY C 156 3.82 40.60 -14.34
N THR C 157 3.41 41.85 -14.52
CA THR C 157 3.88 42.96 -13.70
C THR C 157 2.73 43.43 -12.83
N PHE C 158 3.05 44.04 -11.69
CA PHE C 158 2.05 44.55 -10.76
C PHE C 158 2.58 45.62 -9.76
N LYS C 159 1.69 46.33 -9.08
CA LYS C 159 2.06 47.19 -7.95
C LYS C 159 1.72 46.41 -6.70
N PRO C 161 0.17 45.28 -3.58
CA PRO C 161 -1.00 45.90 -2.90
C PRO C 161 -0.62 46.34 -1.49
N GLU C 162 -1.47 47.13 -0.83
CA GLU C 162 -1.17 47.57 0.53
C GLU C 162 -1.00 46.36 1.45
N ASP C 163 -0.26 46.52 2.53
CA ASP C 163 -0.21 45.48 3.57
C ASP C 163 -1.45 45.49 4.49
N LYS C 164 -2.62 45.83 3.95
CA LYS C 164 -3.87 45.81 4.72
C LYS C 164 -4.76 44.74 4.12
N ARG C 165 -5.35 43.88 4.93
CA ARG C 165 -6.14 42.76 4.39
C ARG C 165 -7.30 43.11 3.43
N CYS C 166 -7.36 42.35 2.33
CA CYS C 166 -8.31 42.52 1.23
C CYS C 166 -7.90 43.60 0.19
N SER C 167 -6.73 44.22 0.40
CA SER C 167 -6.11 45.05 -0.62
C SER C 167 -5.68 44.18 -1.80
N TRP C 168 -5.84 44.70 -3.02
CA TRP C 168 -5.52 43.95 -4.24
C TRP C 168 -5.06 44.90 -5.32
N SER C 169 -4.39 44.38 -6.34
CA SER C 169 -4.10 45.17 -7.51
C SER C 169 -4.07 44.22 -8.70
N TYR C 170 -4.30 44.75 -9.91
CA TYR C 170 -4.32 43.90 -11.09
C TYR C 170 -2.91 43.37 -11.44
N LEU C 171 -2.87 42.13 -11.96
CA LEU C 171 -1.66 41.60 -12.55
C LEU C 171 -1.79 41.80 -14.05
N TYR C 172 -0.69 42.22 -14.67
CA TYR C 172 -0.72 42.57 -16.08
C TYR C 172 0.35 41.86 -16.88
N ASP C 173 0.05 41.61 -18.15
CA ASP C 173 1.06 41.41 -19.17
C ASP C 173 0.96 42.59 -20.17
N GLY C 174 1.77 43.61 -19.96
CA GLY C 174 1.65 44.84 -20.73
C GLY C 174 0.34 45.52 -20.43
N GLU C 175 -0.52 45.69 -21.44
CA GLU C 175 -1.81 46.29 -21.18
C GLU C 175 -2.90 45.30 -20.81
N GLU C 176 -2.61 44.02 -20.97
CA GLU C 176 -3.58 42.98 -20.75
C GLU C 176 -3.63 42.64 -19.25
N ILE C 177 -4.84 42.66 -18.67
CA ILE C 177 -5.05 42.19 -17.30
C ILE C 177 -5.08 40.67 -17.30
N ILE C 178 -4.16 40.04 -16.58
CA ILE C 178 -4.05 38.59 -16.60
C ILE C 178 -4.33 37.93 -15.24
N GLY C 179 -4.64 38.73 -14.22
CA GLY C 179 -4.97 38.23 -12.92
C GLY C 179 -4.86 39.38 -11.93
N CYS C 180 -4.70 39.05 -10.65
CA CYS C 180 -4.60 40.06 -9.58
C CYS C 180 -3.80 39.54 -8.39
N VAL C 181 -3.27 40.46 -7.59
CA VAL C 181 -2.41 40.13 -6.48
C VAL C 181 -3.20 40.55 -5.27
N ILE C 182 -3.38 39.64 -4.30
CA ILE C 182 -4.29 39.91 -3.19
C ILE C 182 -3.60 39.75 -1.85
N ARG C 183 -3.61 40.81 -1.05
CA ARG C 183 -3.15 40.73 0.33
C ARG C 183 -4.21 40.07 1.18
N THR C 184 -4.12 38.77 1.22
CA THR C 184 -5.09 37.95 1.91
C THR C 184 -4.79 37.86 3.43
N LYS C 185 -3.52 37.67 3.79
CA LYS C 185 -3.09 37.75 5.20
C LYS C 185 -2.15 38.95 5.39
N GLU C 186 -2.46 39.81 6.35
CA GLU C 186 -1.56 40.96 6.68
C GLU C 186 -0.27 40.43 7.30
N GLY C 187 0.86 41.00 6.88
CA GLY C 187 2.16 40.49 7.29
C GLY C 187 2.65 39.32 6.44
N SER C 188 1.82 38.80 5.54
CA SER C 188 2.26 37.76 4.60
C SER C 188 2.35 38.26 3.16
N ALA C 189 3.08 37.53 2.32
CA ALA C 189 3.09 37.82 0.89
C ALA C 189 1.67 37.63 0.38
N PRO C 190 1.29 38.37 -0.67
CA PRO C 190 -0.07 38.21 -1.19
C PRO C 190 -0.20 36.93 -2.03
N ILE C 191 -1.39 36.64 -2.53
CA ILE C 191 -1.54 35.48 -3.42
C ILE C 191 -1.72 35.97 -4.85
N PHE C 192 -1.47 35.11 -5.81
CA PHE C 192 -1.59 35.48 -7.20
C PHE C 192 -2.72 34.69 -7.79
N VAL C 193 -3.76 35.40 -8.19
CA VAL C 193 -5.00 34.76 -8.56
C VAL C 193 -5.25 34.87 -10.04
N SER C 194 -5.69 33.79 -10.65
CA SER C 194 -5.65 33.71 -12.08
C SER C 194 -6.81 32.91 -12.67
N PRO C 195 -7.55 33.50 -13.62
CA PRO C 195 -8.69 32.80 -14.19
C PRO C 195 -8.17 31.63 -14.99
N GLY C 196 -8.83 30.49 -14.87
CA GLY C 196 -8.46 29.32 -15.67
C GLY C 196 -9.21 29.32 -16.98
N HIS C 197 -10.07 28.33 -17.17
CA HIS C 197 -11.01 28.25 -18.28
C HIS C 197 -12.42 28.49 -17.71
N LEU C 198 -13.33 29.06 -18.53
CA LEU C 198 -14.69 29.42 -18.14
C LEU C 198 -14.74 30.32 -16.87
N ASP C 200 -13.26 34.59 -15.54
CA ASP C 200 -12.58 35.85 -15.88
C ASP C 200 -11.89 36.43 -14.65
N VAL C 201 -11.18 37.56 -14.81
CA VAL C 201 -10.45 38.17 -13.68
C VAL C 201 -11.39 38.73 -12.58
N GLU C 202 -12.42 39.50 -12.96
CA GLU C 202 -13.41 39.98 -12.00
C GLU C 202 -14.00 38.82 -11.17
N SER C 203 -14.38 37.72 -11.85
CA SER C 203 -15.06 36.63 -11.15
C SER C 203 -14.10 35.86 -10.26
N SER C 204 -12.88 35.59 -10.74
CA SER C 204 -11.87 34.93 -9.90
C SER C 204 -11.45 35.73 -8.70
N LYS C 205 -11.33 37.05 -8.83
CA LYS C 205 -11.10 37.90 -7.68
C LYS C 205 -12.22 37.76 -6.63
N ARG C 206 -13.46 37.90 -7.08
CA ARG C 206 -14.64 37.80 -6.19
C ARG C 206 -14.72 36.46 -5.48
N LEU C 207 -14.63 35.37 -6.24
CA LEU C 207 -14.74 34.04 -5.67
C LEU C 207 -13.60 33.70 -4.70
N ILE C 208 -12.35 33.87 -5.12
CA ILE C 208 -11.21 33.64 -4.21
C ILE C 208 -11.26 34.49 -2.91
N LYS C 209 -11.80 35.71 -2.99
CA LYS C 209 -11.97 36.54 -1.80
C LYS C 209 -13.06 35.91 -0.92
N ALA C 210 -14.19 35.57 -1.50
CA ALA C 210 -15.22 34.83 -0.82
C ALA C 210 -14.68 33.51 -0.19
N PHE C 211 -13.67 32.89 -0.82
CA PHE C 211 -13.22 31.55 -0.38
C PHE C 211 -12.13 31.60 0.72
N THR C 212 -11.67 32.83 1.01
CA THR C 212 -10.59 32.98 1.97
C THR C 212 -11.08 33.45 3.31
N LEU C 213 -10.78 32.65 4.34
CA LEU C 213 -11.08 33.01 5.72
C LEU C 213 -10.11 34.05 6.32
N PRO C 214 -10.64 34.96 7.16
CA PRO C 214 -9.87 35.95 7.88
C PRO C 214 -8.67 35.33 8.56
N GLY C 215 -7.50 35.96 8.47
CA GLY C 215 -6.32 35.41 9.12
C GLY C 215 -5.61 34.33 8.31
N ARG C 216 -6.31 33.86 7.27
CA ARG C 216 -5.75 32.84 6.39
C ARG C 216 -5.25 33.47 5.10
N ARG C 217 -4.08 33.02 4.68
CA ARG C 217 -3.48 33.46 3.44
C ARG C 217 -4.03 32.70 2.23
N ILE C 218 -4.38 31.41 2.41
CA ILE C 218 -4.78 30.56 1.28
C ILE C 218 -6.29 30.31 1.32
N PRO C 219 -6.96 30.36 0.15
CA PRO C 219 -8.40 30.09 0.11
C PRO C 219 -8.70 28.70 0.63
N GLU C 220 -9.93 28.47 1.10
CA GLU C 220 -10.32 27.17 1.67
C GLU C 220 -10.16 25.97 0.75
N PRO C 221 -10.63 26.06 -0.50
CA PRO C 221 -10.60 24.84 -1.34
C PRO C 221 -9.21 24.20 -1.35
N THR C 222 -8.17 24.98 -1.67
CA THR C 222 -6.83 24.40 -1.77
C THR C 222 -6.24 24.10 -0.41
N ARG C 223 -6.60 24.92 0.59
CA ARG C 223 -6.06 24.74 1.95
C ARG C 223 -6.49 23.40 2.50
N LEU C 224 -7.78 23.14 2.38
CA LEU C 224 -8.34 21.93 2.95
C LEU C 224 -7.72 20.76 2.25
N ALA C 225 -7.48 20.90 0.95
CA ALA C 225 -6.87 19.83 0.20
C ALA C 225 -5.43 19.51 0.69
N HIS C 226 -4.65 20.51 1.06
CA HIS C 226 -3.35 20.23 1.64
C HIS C 226 -3.50 19.62 3.03
N ILE C 227 -4.57 19.97 3.74
CA ILE C 227 -4.83 19.32 5.04
C ILE C 227 -4.93 17.81 4.85
N TYR C 228 -5.71 17.38 3.86
CA TYR C 228 -5.89 15.95 3.55
C TYR C 228 -4.66 15.26 3.06
N THR C 229 -3.85 15.96 2.29
CA THR C 229 -2.61 15.38 1.84
C THR C 229 -1.81 15.02 3.08
N GLN C 230 -1.84 15.92 4.05
CA GLN C 230 -1.07 15.74 5.28
C GLN C 230 -1.63 14.60 6.13
N ARG C 231 -2.94 14.44 6.12
CA ARG C 231 -3.59 13.36 6.86
C ARG C 231 -3.11 12.02 6.38
N LEU C 232 -2.70 11.94 5.10
CA LEU C 232 -2.07 10.74 4.56
C LEU C 232 -0.57 10.79 4.89
N LYS C 233 -0.25 10.91 6.19
CA LYS C 233 1.13 11.14 6.70
C LYS C 233 2.25 10.61 5.81
#